data_2VYE
#
_entry.id   2VYE
#
_cell.length_a   180.830
_cell.length_b   180.830
_cell.length_c   104.112
_cell.angle_alpha   90.00
_cell.angle_beta   90.00
_cell.angle_gamma   120.00
#
_symmetry.space_group_name_H-M   'P 63'
#
loop_
_entity.id
_entity.type
_entity.pdbx_description
1 polymer 'REPLICATIVE DNA HELICASE'
2 polymer "5'-D(*TP*TP*TP*TP*TP*TP*TP*TP*TP)-3'"
#
loop_
_entity_poly.entity_id
_entity_poly.type
_entity_poly.pdbx_seq_one_letter_code
_entity_poly.pdbx_strand_id
1 'polypeptide(L)'
;MSELFSERIPPQSIEAEQAVLGAVFLDPTALTLASERLIPEDFYRAAHQKIFHAMLRVADKGEPVDLVTVTAELAALEQL
EEVGGVSYLSELADSVPTAANVEYYARIVEEKSLLRRLIRTATSIAQDGYTREDEIDVLLDEAERKIMEVSQRKHSGAFK
NIKDVLVQTYDNIEMLHNRNGDITGIPTGFTELDRMTSGFQRSDLIIVAARPSVGKTAFALNIAQNVATKTNENVAIFSL
EMSAQQLVMRMLCAEGNINAQNLRTGKLTPEDWGKLTMAMGSLSNAGIYIDDTPSIRVSDIRAKCRRLKQESGLGMVVID
YLQLIQGSGRNRENRQQEVSEISRSLKALARELEVPVIALSQLSRSVEQRQDKRPMMSDLRESGSIEQDADIVAFLYRDD
YYNKDSENKNIIEIIIAKQRNGPVGTVQLAFIKEYNKFVNLERRFDEAQIPPGA
;
A,B
2 'polydeoxyribonucleotide' (DT)(DT)(DT)(DT)(DT)(DT)(DT)(DT)(DT) C
#
# COMPACT_ATOMS: atom_id res chain seq x y z
N ILE A 9 -30.98 29.12 10.48
CA ILE A 9 -30.89 28.58 11.88
C ILE A 9 -29.47 28.52 12.40
N PRO A 10 -29.23 29.13 13.54
CA PRO A 10 -27.95 29.20 14.24
C PRO A 10 -27.27 27.88 14.31
N PRO A 11 -25.95 27.88 14.27
CA PRO A 11 -25.27 26.61 14.35
C PRO A 11 -25.75 26.03 15.66
N GLN A 12 -25.99 24.72 15.68
CA GLN A 12 -26.48 24.00 16.86
C GLN A 12 -26.44 22.55 16.49
N SER A 13 -26.47 21.68 17.48
CA SER A 13 -26.50 20.23 17.24
C SER A 13 -27.15 19.54 18.45
N ILE A 14 -28.47 19.52 18.36
CA ILE A 14 -29.26 18.87 19.34
C ILE A 14 -28.59 17.50 19.40
N GLU A 15 -28.72 16.71 18.31
CA GLU A 15 -28.15 15.35 18.19
C GLU A 15 -26.83 15.16 18.89
N ALA A 16 -25.99 16.17 18.86
CA ALA A 16 -24.71 16.12 19.53
C ALA A 16 -25.03 16.52 20.95
N GLU A 17 -25.60 17.70 21.10
CA GLU A 17 -25.93 18.13 22.43
C GLU A 17 -26.54 16.98 23.27
N GLN A 18 -27.76 16.54 22.98
CA GLN A 18 -28.36 15.49 23.80
C GLN A 18 -27.43 14.30 23.94
N ALA A 19 -26.49 14.11 23.01
CA ALA A 19 -25.60 12.98 23.14
C ALA A 19 -24.68 13.19 24.33
N VAL A 20 -24.34 14.46 24.58
CA VAL A 20 -23.47 14.80 25.70
C VAL A 20 -24.09 14.44 27.05
N LEU A 21 -25.22 15.08 27.39
CA LEU A 21 -25.90 14.78 28.65
C LEU A 21 -25.91 13.27 28.85
N GLY A 22 -26.52 12.57 27.90
CA GLY A 22 -26.61 11.12 27.98
C GLY A 22 -25.29 10.47 28.32
N ALA A 23 -24.20 11.03 27.81
CA ALA A 23 -22.91 10.46 28.11
C ALA A 23 -22.68 10.51 29.60
N VAL A 24 -23.11 11.58 30.23
CA VAL A 24 -22.94 11.71 31.67
C VAL A 24 -23.75 10.70 32.45
N PHE A 25 -24.99 10.45 32.07
CA PHE A 25 -25.72 9.46 32.82
C PHE A 25 -25.15 8.09 32.51
N LEU A 26 -24.36 7.95 31.46
CA LEU A 26 -23.84 6.63 31.19
C LEU A 26 -22.57 6.34 31.95
N ASP A 27 -21.97 7.40 32.47
CA ASP A 27 -20.73 7.38 33.30
C ASP A 27 -20.27 8.75 33.81
N PRO A 28 -20.27 8.97 35.13
CA PRO A 28 -19.84 10.27 35.67
C PRO A 28 -18.55 10.88 35.11
N THR A 29 -17.57 10.05 34.76
CA THR A 29 -16.30 10.58 34.23
C THR A 29 -16.58 11.48 33.04
N ALA A 30 -17.73 11.25 32.44
CA ALA A 30 -18.15 12.05 31.32
C ALA A 30 -18.15 13.51 31.73
N LEU A 31 -18.96 13.83 32.74
CA LEU A 31 -19.08 15.22 33.18
C LEU A 31 -17.74 15.92 33.34
N THR A 32 -16.80 15.27 33.99
CA THR A 32 -15.50 15.89 34.17
C THR A 32 -15.02 16.47 32.85
N LEU A 33 -14.81 15.61 31.85
CA LEU A 33 -14.33 16.04 30.54
C LEU A 33 -15.15 17.14 29.94
N ALA A 34 -16.46 16.94 29.96
CA ALA A 34 -17.41 17.89 29.43
C ALA A 34 -17.19 19.27 29.97
N SER A 35 -17.22 19.42 31.29
CA SER A 35 -17.04 20.72 31.90
C SER A 35 -15.75 21.38 31.41
N GLU A 36 -14.81 20.57 30.94
CA GLU A 36 -13.56 21.10 30.43
C GLU A 36 -13.83 21.94 29.20
N ARG A 37 -14.67 21.43 28.30
CA ARG A 37 -14.95 22.13 27.07
C ARG A 37 -16.08 23.14 27.02
N LEU A 38 -17.23 22.83 27.63
CA LEU A 38 -18.39 23.73 27.57
C LEU A 38 -18.83 24.40 28.87
N ILE A 39 -19.92 25.15 28.76
CA ILE A 39 -20.56 25.81 29.90
C ILE A 39 -22.01 25.86 29.48
N PRO A 40 -22.93 25.65 30.43
CA PRO A 40 -24.37 25.64 30.21
C PRO A 40 -24.90 26.53 29.13
N GLU A 41 -24.32 27.71 29.02
CA GLU A 41 -24.79 28.65 28.02
C GLU A 41 -24.34 28.27 26.63
N ASP A 42 -23.54 27.23 26.53
CA ASP A 42 -23.02 26.78 25.25
C ASP A 42 -24.01 25.90 24.53
N PHE A 43 -24.79 25.17 25.31
CA PHE A 43 -25.79 24.30 24.73
C PHE A 43 -26.83 25.21 24.08
N TYR A 44 -27.51 24.75 23.03
CA TYR A 44 -28.49 25.60 22.38
C TYR A 44 -29.87 25.46 22.99
N ARG A 45 -30.36 24.22 23.10
CA ARG A 45 -31.68 24.02 23.68
C ARG A 45 -31.67 24.38 25.15
N ALA A 46 -32.59 25.27 25.50
CA ALA A 46 -32.75 25.75 26.86
C ALA A 46 -32.77 24.59 27.79
N ALA A 47 -33.59 23.61 27.47
CA ALA A 47 -33.66 22.45 28.31
C ALA A 47 -32.25 21.97 28.68
N HIS A 48 -31.43 21.72 27.66
CA HIS A 48 -30.08 21.24 27.90
C HIS A 48 -29.29 22.20 28.74
N GLN A 49 -29.64 23.48 28.69
CA GLN A 49 -28.93 24.46 29.51
C GLN A 49 -29.10 24.10 30.96
N LYS A 50 -30.35 24.13 31.42
CA LYS A 50 -30.64 23.84 32.82
C LYS A 50 -30.09 22.49 33.25
N ILE A 51 -30.31 21.47 32.43
CA ILE A 51 -29.86 20.13 32.75
C ILE A 51 -28.37 20.01 32.95
N PHE A 52 -27.61 20.81 32.21
CA PHE A 52 -26.17 20.76 32.39
C PHE A 52 -25.89 21.54 33.65
N HIS A 53 -26.51 22.71 33.73
CA HIS A 53 -26.33 23.59 34.89
C HIS A 53 -26.55 22.79 36.11
N ALA A 54 -27.68 22.09 36.10
CA ALA A 54 -28.01 21.26 37.22
C ALA A 54 -26.87 20.30 37.45
N MET A 55 -26.58 19.49 36.45
CA MET A 55 -25.51 18.52 36.61
C MET A 55 -24.24 19.10 37.24
N LEU A 56 -23.46 19.89 36.53
CA LEU A 56 -22.25 20.35 37.17
C LEU A 56 -22.50 20.88 38.59
N ARG A 57 -23.70 21.40 38.87
CA ARG A 57 -24.01 21.92 40.22
C ARG A 57 -23.91 20.87 41.30
N VAL A 58 -24.51 19.72 41.01
CA VAL A 58 -24.50 18.61 41.94
C VAL A 58 -23.13 17.97 42.00
N ALA A 59 -22.41 17.96 40.89
CA ALA A 59 -21.09 17.36 40.91
C ALA A 59 -20.21 18.16 41.83
N ASP A 60 -20.50 19.45 41.95
CA ASP A 60 -19.74 20.33 42.82
C ASP A 60 -20.02 19.96 44.29
N LYS A 61 -21.30 19.85 44.64
CA LYS A 61 -21.69 19.55 46.00
C LYS A 61 -21.18 18.23 46.55
N GLY A 62 -20.38 17.52 45.76
CA GLY A 62 -19.85 16.26 46.22
C GLY A 62 -20.71 15.11 45.71
N GLU A 63 -21.99 15.41 45.59
CA GLU A 63 -22.95 14.45 45.10
C GLU A 63 -22.47 13.99 43.73
N PRO A 64 -22.24 12.69 43.59
CA PRO A 64 -21.77 11.99 42.39
C PRO A 64 -22.75 12.27 41.28
N VAL A 65 -22.30 12.16 40.03
CA VAL A 65 -23.20 12.46 38.95
C VAL A 65 -23.99 11.24 38.61
N ASP A 66 -25.30 11.44 38.50
CA ASP A 66 -26.24 10.38 38.19
C ASP A 66 -27.65 10.94 38.01
N LEU A 67 -28.48 10.09 37.43
CA LEU A 67 -29.90 10.36 37.14
C LEU A 67 -30.67 10.99 38.33
N VAL A 68 -30.88 10.22 39.38
CA VAL A 68 -31.59 10.68 40.57
C VAL A 68 -31.21 12.10 41.06
N THR A 69 -29.96 12.30 41.47
CA THR A 69 -29.45 13.57 42.01
C THR A 69 -29.81 14.81 41.23
N VAL A 70 -29.68 14.73 39.92
CA VAL A 70 -29.99 15.86 39.08
C VAL A 70 -31.48 16.04 39.01
N THR A 71 -32.18 14.91 38.93
CA THR A 71 -33.63 14.95 38.88
C THR A 71 -33.97 15.83 40.03
N ALA A 72 -33.22 15.61 41.11
CA ALA A 72 -33.39 16.35 42.36
C ALA A 72 -33.05 17.80 42.16
N GLU A 73 -31.80 18.04 41.81
CA GLU A 73 -31.38 19.40 41.63
C GLU A 73 -32.42 20.11 40.81
N LEU A 74 -32.77 19.50 39.68
CA LEU A 74 -33.73 20.03 38.74
C LEU A 74 -35.07 20.34 39.37
N ALA A 75 -35.64 19.34 40.02
CA ALA A 75 -36.92 19.55 40.66
C ALA A 75 -36.81 20.71 41.61
N ALA A 76 -35.79 20.63 42.44
CA ALA A 76 -35.51 21.64 43.45
C ALA A 76 -35.65 23.06 42.89
N LEU A 77 -35.18 23.22 41.67
CA LEU A 77 -35.22 24.49 41.00
C LEU A 77 -36.62 24.92 40.48
N GLU A 78 -37.50 23.92 40.30
CA GLU A 78 -38.89 24.03 39.79
C GLU A 78 -38.77 23.94 38.26
N GLN A 79 -37.74 23.20 37.86
CA GLN A 79 -37.38 23.00 36.44
C GLN A 79 -37.68 21.66 35.69
N LEU A 80 -38.09 20.61 36.39
CA LEU A 80 -38.39 19.31 35.73
C LEU A 80 -39.46 19.35 34.67
N GLU A 81 -40.70 19.60 35.06
CA GLU A 81 -41.76 19.65 34.06
C GLU A 81 -41.31 20.61 32.98
N GLU A 82 -40.27 21.40 33.28
CA GLU A 82 -39.78 22.34 32.29
C GLU A 82 -38.94 21.60 31.27
N VAL A 83 -37.81 21.05 31.68
CA VAL A 83 -36.97 20.34 30.73
C VAL A 83 -37.50 19.00 30.30
N GLY A 84 -38.81 18.81 30.32
CA GLY A 84 -39.36 17.55 29.87
C GLY A 84 -39.29 16.32 30.78
N GLY A 85 -39.16 16.53 32.08
CA GLY A 85 -39.15 15.40 32.99
C GLY A 85 -38.05 14.37 32.82
N VAL A 86 -38.00 13.44 33.76
CA VAL A 86 -36.98 12.39 33.75
C VAL A 86 -37.10 11.62 32.46
N SER A 87 -38.34 11.50 32.00
CA SER A 87 -38.65 10.79 30.77
C SER A 87 -37.62 11.12 29.71
N TYR A 88 -37.25 12.39 29.65
CA TYR A 88 -36.28 12.89 28.68
C TYR A 88 -34.86 12.52 29.16
N LEU A 89 -34.68 12.51 30.48
CA LEU A 89 -33.38 12.16 31.02
C LEU A 89 -33.20 10.70 30.71
N SER A 90 -34.30 9.98 30.75
CA SER A 90 -34.23 8.58 30.41
C SER A 90 -33.62 8.65 29.02
N GLU A 91 -34.35 9.30 28.08
CA GLU A 91 -33.99 9.48 26.65
C GLU A 91 -32.54 9.87 26.50
N LEU A 92 -32.20 10.86 27.32
CA LEU A 92 -30.88 11.37 27.38
C LEU A 92 -29.94 10.23 27.58
N ALA A 93 -30.10 9.50 28.65
CA ALA A 93 -29.22 8.37 28.82
C ALA A 93 -29.13 7.52 27.53
N ASP A 94 -30.17 7.57 26.70
CA ASP A 94 -30.19 6.76 25.50
C ASP A 94 -29.45 7.41 24.34
N SER A 95 -29.60 8.72 24.18
CA SER A 95 -29.02 9.47 23.05
C SER A 95 -27.54 9.44 22.63
N VAL A 96 -26.68 8.82 23.41
CA VAL A 96 -25.27 8.79 23.05
C VAL A 96 -24.88 7.52 22.29
N PRO A 97 -23.82 7.60 21.47
CA PRO A 97 -23.29 6.50 20.68
C PRO A 97 -22.42 5.66 21.57
N THR A 98 -21.59 6.31 22.36
CA THR A 98 -20.69 5.62 23.30
C THR A 98 -19.93 6.66 24.07
N ALA A 99 -20.11 6.71 25.39
CA ALA A 99 -19.45 7.71 26.21
C ALA A 99 -17.95 7.96 25.90
N ALA A 100 -17.24 6.87 25.64
CA ALA A 100 -15.81 6.93 25.34
C ALA A 100 -15.40 8.01 24.34
N ASN A 101 -16.36 8.60 23.65
CA ASN A 101 -16.05 9.62 22.68
C ASN A 101 -16.73 10.90 23.12
N VAL A 102 -17.19 10.91 24.36
CA VAL A 102 -17.89 12.06 24.87
C VAL A 102 -17.15 13.35 24.56
N GLU A 103 -15.83 13.31 24.49
CA GLU A 103 -15.14 14.53 24.18
C GLU A 103 -15.71 15.12 22.90
N TYR A 104 -15.44 14.43 21.79
CA TYR A 104 -15.92 14.89 20.50
C TYR A 104 -17.28 15.53 20.56
N TYR A 105 -18.27 14.76 21.02
CA TYR A 105 -19.63 15.27 21.10
C TYR A 105 -19.56 16.65 21.67
N ALA A 106 -18.97 16.77 22.85
CA ALA A 106 -18.90 18.07 23.48
C ALA A 106 -18.26 19.11 22.57
N ARG A 107 -17.12 18.75 21.98
CA ARG A 107 -16.39 19.67 21.11
C ARG A 107 -17.37 20.21 20.13
N ILE A 108 -17.96 19.28 19.37
CA ILE A 108 -18.91 19.64 18.35
C ILE A 108 -19.95 20.61 18.90
N VAL A 109 -20.28 20.43 20.17
CA VAL A 109 -21.23 21.31 20.81
C VAL A 109 -20.62 22.66 20.99
N GLU A 110 -19.35 22.64 21.36
CA GLU A 110 -18.60 23.84 21.60
C GLU A 110 -18.51 24.66 20.31
N GLU A 111 -18.14 24.00 19.24
CA GLU A 111 -18.02 24.71 17.99
C GLU A 111 -19.31 25.41 17.60
N LYS A 112 -20.36 24.62 17.39
CA LYS A 112 -21.63 25.18 17.02
C LYS A 112 -21.96 26.32 17.97
N SER A 113 -21.43 26.26 19.17
CA SER A 113 -21.66 27.33 20.14
C SER A 113 -20.80 28.54 19.78
N LEU A 114 -19.53 28.29 19.49
CA LEU A 114 -18.63 29.38 19.14
C LEU A 114 -19.05 30.12 17.90
N LEU A 115 -19.29 29.40 16.82
CA LEU A 115 -19.72 30.07 15.58
C LEU A 115 -20.93 30.97 15.79
N ARG A 116 -21.77 30.59 16.73
CA ARG A 116 -22.94 31.37 17.03
C ARG A 116 -22.46 32.78 17.28
N ARG A 117 -21.50 32.86 18.20
CA ARG A 117 -20.88 34.11 18.60
C ARG A 117 -20.15 34.91 17.51
N LEU A 118 -19.49 34.20 16.60
CA LEU A 118 -18.74 34.83 15.51
C LEU A 118 -19.80 35.56 14.71
N ILE A 119 -20.98 34.95 14.65
CA ILE A 119 -22.11 35.50 13.92
C ILE A 119 -22.89 36.55 14.71
N ARG A 120 -23.21 36.24 15.95
CA ARG A 120 -23.91 37.24 16.70
C ARG A 120 -23.03 38.50 16.83
N THR A 121 -21.81 38.35 17.33
CA THR A 121 -20.91 39.50 17.50
C THR A 121 -20.77 40.28 16.21
N ALA A 122 -20.65 39.58 15.09
CA ALA A 122 -20.52 40.23 13.81
C ALA A 122 -21.76 40.97 13.45
N THR A 123 -22.89 40.27 13.51
CA THR A 123 -24.15 40.90 13.18
C THR A 123 -24.30 42.21 13.98
N SER A 124 -23.97 42.17 15.27
CA SER A 124 -24.10 43.36 16.09
C SER A 124 -23.21 44.51 15.60
N ILE A 125 -22.10 44.16 14.95
CA ILE A 125 -21.16 45.16 14.44
C ILE A 125 -21.84 45.94 13.32
N ALA A 126 -22.48 45.20 12.41
CA ALA A 126 -23.17 45.77 11.26
C ALA A 126 -24.28 46.73 11.69
N GLN A 127 -25.06 46.33 12.70
CA GLN A 127 -26.14 47.18 13.20
C GLN A 127 -25.53 48.49 13.71
N ASP A 128 -24.40 48.38 14.41
CA ASP A 128 -23.71 49.56 14.93
C ASP A 128 -23.01 50.26 13.78
N GLY A 129 -22.67 49.51 12.74
CA GLY A 129 -22.05 50.14 11.61
C GLY A 129 -22.93 51.27 11.13
N TYR A 130 -24.24 51.02 11.10
CA TYR A 130 -25.21 52.02 10.63
C TYR A 130 -25.63 53.06 11.68
N THR A 131 -25.68 52.64 12.94
CA THR A 131 -26.13 53.53 14.01
C THR A 131 -25.15 54.60 14.43
N ARG A 132 -24.12 54.20 15.16
CA ARG A 132 -23.16 55.21 15.53
C ARG A 132 -22.30 55.43 14.31
N GLU A 133 -22.64 56.54 13.67
CA GLU A 133 -22.00 57.02 12.46
C GLU A 133 -21.47 58.37 12.93
N ASP A 134 -21.11 58.44 14.20
CA ASP A 134 -20.65 59.69 14.79
C ASP A 134 -19.30 59.65 15.53
N GLU A 135 -18.55 58.55 15.39
CA GLU A 135 -17.22 58.37 16.01
C GLU A 135 -16.79 57.01 15.53
N ILE A 136 -16.12 56.97 14.39
CA ILE A 136 -15.72 55.70 13.82
C ILE A 136 -14.40 55.10 14.30
N ASP A 137 -13.46 55.94 14.73
CA ASP A 137 -12.20 55.42 15.24
C ASP A 137 -12.61 54.42 16.30
N VAL A 138 -13.41 54.91 17.23
CA VAL A 138 -13.88 54.10 18.33
C VAL A 138 -14.50 52.84 17.78
N LEU A 139 -15.39 53.00 16.82
CA LEU A 139 -16.06 51.87 16.22
C LEU A 139 -15.05 50.79 15.81
N LEU A 140 -14.09 51.17 14.98
CA LEU A 140 -13.07 50.24 14.51
C LEU A 140 -12.35 49.55 15.63
N ASP A 141 -11.97 50.32 16.64
CA ASP A 141 -11.26 49.76 17.77
C ASP A 141 -11.99 48.58 18.38
N GLU A 142 -13.21 48.82 18.84
CA GLU A 142 -13.99 47.74 19.45
C GLU A 142 -14.34 46.64 18.46
N ALA A 143 -14.36 46.96 17.16
CA ALA A 143 -14.65 45.94 16.18
C ALA A 143 -13.47 44.96 16.15
N GLU A 144 -12.29 45.46 16.52
CA GLU A 144 -11.07 44.64 16.59
C GLU A 144 -11.16 43.85 17.88
N ARG A 145 -11.37 44.58 18.97
CA ARG A 145 -11.49 43.95 20.28
C ARG A 145 -12.52 42.83 20.22
N LYS A 146 -13.76 43.18 19.91
CA LYS A 146 -14.81 42.19 19.86
C LYS A 146 -14.40 40.92 19.14
N ILE A 147 -14.05 41.04 17.86
CA ILE A 147 -13.67 39.85 17.14
C ILE A 147 -12.65 39.02 17.87
N MET A 148 -11.51 39.60 18.22
CA MET A 148 -10.52 38.81 18.93
C MET A 148 -11.18 38.07 20.08
N GLU A 149 -12.11 38.73 20.75
CA GLU A 149 -12.80 38.12 21.86
C GLU A 149 -13.46 36.81 21.50
N VAL A 150 -13.94 36.73 20.28
CA VAL A 150 -14.56 35.51 19.86
C VAL A 150 -13.54 34.38 19.85
N SER A 151 -12.34 34.60 19.30
CA SER A 151 -11.35 33.52 19.27
C SER A 151 -10.93 33.01 20.64
N GLN A 152 -10.64 33.93 21.56
CA GLN A 152 -10.24 33.51 22.90
C GLN A 152 -11.45 33.06 23.71
N ARG A 153 -11.96 31.88 23.36
CA ARG A 153 -13.11 31.31 24.04
C ARG A 153 -12.93 29.81 24.17
N LYS A 154 -12.43 29.19 23.10
CA LYS A 154 -12.21 27.75 23.13
C LYS A 154 -11.37 27.51 24.36
N HIS A 155 -11.97 26.87 25.35
CA HIS A 155 -11.30 26.57 26.62
C HIS A 155 -9.98 25.86 26.34
N SER A 156 -8.99 26.63 25.90
CA SER A 156 -7.66 26.12 25.56
C SER A 156 -6.81 26.07 26.83
N GLY A 157 -5.50 26.31 26.67
CA GLY A 157 -4.61 26.31 27.81
C GLY A 157 -4.23 24.96 28.39
N ALA A 158 -3.80 24.05 27.51
CA ALA A 158 -3.41 22.72 27.94
C ALA A 158 -1.88 22.63 27.99
N PHE A 159 -1.28 23.42 28.87
CA PHE A 159 0.17 23.44 29.03
C PHE A 159 0.65 22.30 29.89
N LYS A 160 1.46 21.42 29.32
CA LYS A 160 1.97 20.30 30.08
C LYS A 160 3.10 20.79 30.96
N ASN A 161 2.77 21.03 32.23
CA ASN A 161 3.75 21.51 33.18
C ASN A 161 4.97 20.60 33.24
N ILE A 162 6.11 21.19 33.55
CA ILE A 162 7.37 20.45 33.62
C ILE A 162 7.39 19.39 34.71
N LYS A 163 6.63 19.57 35.78
CA LYS A 163 6.62 18.60 36.85
C LYS A 163 6.03 17.29 36.36
N ASP A 164 4.96 17.39 35.60
CA ASP A 164 4.27 16.21 35.05
C ASP A 164 5.13 15.48 34.02
N VAL A 165 5.92 16.24 33.26
CA VAL A 165 6.80 15.67 32.25
C VAL A 165 7.92 14.90 32.93
N LEU A 166 8.55 15.54 33.91
CA LEU A 166 9.65 14.92 34.64
C LEU A 166 9.26 13.61 35.30
N VAL A 167 8.23 13.64 36.12
CA VAL A 167 7.78 12.43 36.79
C VAL A 167 7.67 11.34 35.72
N GLN A 168 6.99 11.70 34.63
CA GLN A 168 6.81 10.79 33.50
C GLN A 168 8.21 10.31 33.07
N THR A 169 9.10 11.28 32.90
CA THR A 169 10.49 11.04 32.45
C THR A 169 11.29 10.14 33.37
N TYR A 170 11.07 10.30 34.67
CA TYR A 170 11.79 9.48 35.63
C TYR A 170 11.14 8.12 35.74
N ASP A 171 9.83 8.09 35.57
CA ASP A 171 9.09 6.80 35.62
C ASP A 171 9.46 6.03 34.36
N ASN A 172 9.76 6.74 33.30
CA ASN A 172 10.15 6.04 32.09
C ASN A 172 11.53 5.43 32.31
N ILE A 173 12.44 6.19 32.93
CA ILE A 173 13.79 5.62 33.15
C ILE A 173 13.83 4.49 34.20
N GLU A 174 12.95 4.53 35.20
CA GLU A 174 12.90 3.43 36.21
C GLU A 174 12.42 2.10 35.57
N MET A 175 11.36 2.16 34.77
CA MET A 175 10.86 0.96 34.11
C MET A 175 12.00 0.49 33.21
N LEU A 176 12.76 1.45 32.70
CA LEU A 176 13.89 1.18 31.84
C LEU A 176 14.81 0.21 32.53
N HIS A 177 15.19 0.55 33.75
CA HIS A 177 16.09 -0.28 34.53
C HIS A 177 15.46 -1.46 35.25
N ASN A 178 14.14 -1.42 35.42
CA ASN A 178 13.43 -2.51 36.08
C ASN A 178 13.06 -3.59 35.05
N ARG A 179 13.32 -3.29 33.78
CA ARG A 179 12.92 -4.21 32.73
C ARG A 179 13.72 -5.46 32.61
N ASN A 180 14.01 -6.10 33.74
CA ASN A 180 14.76 -7.37 33.71
C ASN A 180 13.70 -8.43 33.86
N GLY A 181 13.42 -9.19 32.81
CA GLY A 181 12.36 -10.18 32.97
C GLY A 181 12.23 -11.31 31.97
N ASP A 182 11.12 -12.01 32.14
CA ASP A 182 10.78 -13.15 31.31
C ASP A 182 9.79 -12.75 30.22
N ILE A 183 10.16 -12.99 28.98
CA ILE A 183 9.33 -12.68 27.83
C ILE A 183 7.93 -13.32 28.00
N THR A 184 6.92 -12.67 27.45
CA THR A 184 5.56 -13.20 27.54
C THR A 184 4.91 -13.07 26.16
N GLY A 185 5.76 -12.79 25.17
CA GLY A 185 5.31 -12.65 23.79
C GLY A 185 6.20 -13.42 22.85
N ILE A 186 6.16 -13.10 21.55
CA ILE A 186 7.00 -13.83 20.62
C ILE A 186 8.44 -13.42 20.77
N PRO A 187 9.30 -14.33 21.25
CA PRO A 187 10.73 -14.15 21.49
C PRO A 187 11.43 -13.77 20.22
N THR A 188 12.24 -12.72 20.29
CA THR A 188 12.96 -12.13 19.16
C THR A 188 14.48 -12.31 19.03
N GLY A 189 15.00 -13.45 19.49
CA GLY A 189 16.42 -13.74 19.39
C GLY A 189 17.36 -12.54 19.30
N PHE A 190 16.98 -11.44 19.95
CA PHE A 190 17.78 -10.23 19.98
C PHE A 190 17.68 -9.70 21.39
N THR A 191 18.46 -10.31 22.28
CA THR A 191 18.46 -9.94 23.68
C THR A 191 18.30 -8.47 24.03
N GLU A 192 18.97 -7.58 23.30
CA GLU A 192 18.86 -6.15 23.63
C GLU A 192 17.42 -5.68 23.48
N LEU A 193 16.92 -5.75 22.25
CA LEU A 193 15.55 -5.35 21.94
C LEU A 193 14.65 -6.18 22.82
N ASP A 194 14.86 -7.49 22.75
CA ASP A 194 14.07 -8.42 23.51
C ASP A 194 13.91 -7.92 24.92
N ARG A 195 14.98 -7.38 25.49
CA ARG A 195 14.91 -6.89 26.86
C ARG A 195 14.00 -5.68 26.95
N MET A 196 13.86 -4.99 25.82
CA MET A 196 13.04 -3.81 25.75
C MET A 196 11.63 -4.19 25.38
N THR A 197 11.51 -4.87 24.24
CA THR A 197 10.23 -5.34 23.74
C THR A 197 9.48 -6.22 24.77
N SER A 198 10.25 -7.05 25.47
CA SER A 198 9.71 -7.96 26.47
C SER A 198 8.94 -9.02 25.69
N GLY A 199 9.26 -9.09 24.40
CA GLY A 199 8.61 -10.01 23.50
C GLY A 199 7.64 -9.25 22.62
N PHE A 200 7.78 -9.40 21.30
CA PHE A 200 6.88 -8.71 20.39
C PHE A 200 5.51 -9.17 20.80
N GLN A 201 4.80 -8.33 21.52
CA GLN A 201 3.49 -8.73 22.01
C GLN A 201 2.36 -8.70 20.98
N ARG A 202 1.40 -9.62 21.14
CA ARG A 202 0.25 -9.81 20.23
C ARG A 202 -0.81 -8.70 20.41
N SER A 203 -1.37 -8.29 19.27
CA SER A 203 -2.42 -7.29 19.12
C SER A 203 -1.73 -5.93 18.94
N ASP A 204 -0.41 -5.95 18.73
CA ASP A 204 0.40 -4.72 18.60
C ASP A 204 0.76 -4.36 17.16
N LEU A 205 0.39 -3.16 16.73
CA LEU A 205 0.70 -2.68 15.38
C LEU A 205 2.13 -2.21 15.55
N ILE A 206 3.05 -3.04 15.05
CA ILE A 206 4.49 -2.81 15.17
C ILE A 206 5.15 -2.13 13.97
N ILE A 207 5.66 -0.92 14.17
CA ILE A 207 6.30 -0.19 13.08
C ILE A 207 7.70 0.23 13.32
N VAL A 208 8.53 -0.17 12.39
CA VAL A 208 9.94 0.14 12.42
C VAL A 208 10.26 0.90 11.13
N ALA A 209 10.88 2.08 11.28
CA ALA A 209 11.19 2.95 10.14
C ALA A 209 12.64 3.43 9.97
N ALA A 210 12.97 3.84 8.75
CA ALA A 210 14.32 4.33 8.43
C ALA A 210 14.56 4.79 7.01
N ARG A 211 15.83 5.09 6.74
CA ARG A 211 16.30 5.56 5.44
C ARG A 211 16.68 4.40 4.51
N PRO A 212 17.02 4.71 3.24
CA PRO A 212 17.42 3.74 2.21
C PRO A 212 18.60 2.85 2.58
N SER A 213 19.21 2.26 1.56
CA SER A 213 20.33 1.33 1.70
C SER A 213 19.80 -0.01 2.17
N VAL A 214 18.49 -0.18 2.01
CA VAL A 214 17.73 -1.37 2.35
C VAL A 214 18.00 -1.91 3.76
N GLY A 215 18.76 -1.15 4.54
CA GLY A 215 19.11 -1.57 5.89
C GLY A 215 17.95 -2.18 6.67
N LYS A 216 16.73 -1.86 6.25
CA LYS A 216 15.52 -2.33 6.91
C LYS A 216 15.11 -3.72 6.49
N THR A 217 15.06 -3.95 5.19
CA THR A 217 14.66 -5.24 4.64
C THR A 217 15.37 -6.38 5.37
N ALA A 218 16.67 -6.20 5.59
CA ALA A 218 17.47 -7.17 6.27
C ALA A 218 16.97 -7.38 7.70
N PHE A 219 16.76 -6.29 8.45
CA PHE A 219 16.30 -6.38 9.84
C PHE A 219 14.93 -7.06 10.05
N ALA A 220 13.97 -6.80 9.18
CA ALA A 220 12.65 -7.43 9.31
C ALA A 220 12.81 -8.91 9.03
N LEU A 221 13.38 -9.22 7.86
CA LEU A 221 13.63 -10.59 7.50
C LEU A 221 14.29 -11.32 8.66
N ASN A 222 15.44 -10.82 9.08
CA ASN A 222 16.15 -11.43 10.18
C ASN A 222 15.27 -11.60 11.40
N ILE A 223 14.21 -10.81 11.53
CA ILE A 223 13.34 -11.00 12.68
C ILE A 223 12.45 -12.14 12.35
N ALA A 224 11.56 -11.91 11.41
CA ALA A 224 10.64 -12.92 11.01
C ALA A 224 11.44 -14.18 10.97
N GLN A 225 12.68 -14.05 10.50
CA GLN A 225 13.53 -15.23 10.38
C GLN A 225 13.88 -15.88 11.70
N ASN A 226 14.60 -15.16 12.53
CA ASN A 226 14.97 -15.73 13.80
C ASN A 226 13.71 -16.12 14.55
N VAL A 227 12.57 -15.58 14.12
CA VAL A 227 11.29 -15.89 14.73
C VAL A 227 10.78 -17.19 14.20
N ALA A 228 11.06 -17.49 12.94
CA ALA A 228 10.58 -18.73 12.40
C ALA A 228 11.42 -19.94 12.84
N THR A 229 12.68 -19.69 13.16
CA THR A 229 13.56 -20.77 13.56
C THR A 229 13.27 -21.22 14.98
N LYS A 230 13.34 -20.27 15.91
CA LYS A 230 13.13 -20.56 17.32
C LYS A 230 11.69 -20.63 17.80
N THR A 231 10.91 -19.55 17.69
CA THR A 231 9.51 -19.60 18.14
C THR A 231 8.78 -20.61 17.33
N ASN A 232 7.63 -21.04 17.78
CA ASN A 232 6.93 -22.05 17.01
C ASN A 232 5.70 -21.48 16.37
N GLU A 233 5.68 -20.15 16.32
CA GLU A 233 4.58 -19.45 15.72
C GLU A 233 4.85 -19.40 14.20
N ASN A 234 3.83 -19.25 13.37
CA ASN A 234 4.08 -19.15 11.95
C ASN A 234 4.24 -17.67 11.58
N VAL A 235 5.12 -17.37 10.63
CA VAL A 235 5.37 -16.00 10.22
C VAL A 235 5.01 -15.68 8.78
N ALA A 236 4.51 -14.49 8.53
CA ALA A 236 4.17 -14.08 7.18
C ALA A 236 5.06 -12.88 6.77
N ILE A 237 5.56 -12.90 5.54
CA ILE A 237 6.40 -11.82 5.02
C ILE A 237 5.86 -11.21 3.72
N PHE A 238 5.53 -9.92 3.74
CA PHE A 238 5.01 -9.22 2.58
C PHE A 238 6.01 -8.31 1.92
N SER A 239 6.95 -8.89 1.19
CA SER A 239 7.94 -8.07 0.54
C SER A 239 7.46 -7.74 -0.85
N LEU A 240 6.77 -6.61 -0.98
CA LEU A 240 6.27 -6.25 -2.29
C LEU A 240 7.41 -6.00 -3.25
N GLU A 241 8.39 -5.23 -2.80
CA GLU A 241 9.54 -4.90 -3.63
C GLU A 241 10.40 -6.13 -3.90
N MET A 242 10.50 -7.00 -2.91
CA MET A 242 11.34 -8.17 -3.11
C MET A 242 10.57 -9.43 -3.39
N SER A 243 11.08 -10.21 -4.34
CA SER A 243 10.46 -11.46 -4.78
C SER A 243 10.67 -12.70 -3.89
N ALA A 244 9.77 -13.64 -4.12
CA ALA A 244 9.71 -14.91 -3.41
C ALA A 244 11.08 -15.42 -3.06
N GLN A 245 11.75 -15.95 -4.07
CA GLN A 245 13.05 -16.53 -3.88
C GLN A 245 14.12 -15.50 -3.62
N GLN A 246 13.92 -14.27 -4.10
CA GLN A 246 14.91 -13.24 -3.84
C GLN A 246 15.11 -13.13 -2.35
N LEU A 247 14.01 -13.19 -1.61
CA LEU A 247 14.02 -13.09 -0.15
C LEU A 247 14.66 -14.26 0.51
N VAL A 248 14.29 -15.41 0.03
CA VAL A 248 14.85 -16.60 0.60
C VAL A 248 16.35 -16.62 0.37
N MET A 249 16.85 -16.04 -0.73
CA MET A 249 18.32 -16.01 -0.94
C MET A 249 18.95 -15.20 0.16
N ARG A 250 18.29 -14.13 0.57
CA ARG A 250 18.78 -13.33 1.66
C ARG A 250 18.79 -14.07 2.99
N MET A 251 17.75 -14.82 3.37
CA MET A 251 17.89 -15.54 4.65
C MET A 251 18.77 -16.79 4.57
N LEU A 252 18.81 -17.44 3.42
CA LEU A 252 19.69 -18.58 3.31
C LEU A 252 21.15 -18.13 3.54
N CYS A 253 21.53 -16.98 3.04
CA CYS A 253 22.89 -16.51 3.21
C CYS A 253 23.04 -16.25 4.75
N ALA A 254 22.01 -15.65 5.31
CA ALA A 254 21.99 -15.37 6.75
C ALA A 254 22.00 -16.58 7.69
N GLU A 255 21.17 -17.56 7.46
CA GLU A 255 21.28 -18.62 8.42
C GLU A 255 22.54 -19.48 8.20
N GLY A 256 23.03 -19.63 6.97
CA GLY A 256 24.21 -20.48 6.81
C GLY A 256 25.59 -19.84 6.93
N ASN A 257 25.62 -18.52 6.88
CA ASN A 257 26.86 -17.72 6.93
C ASN A 257 27.60 -17.91 5.63
N ILE A 258 26.87 -17.72 4.54
CA ILE A 258 27.42 -17.85 3.21
C ILE A 258 27.67 -16.46 2.60
N ASN A 259 28.70 -16.34 1.78
CA ASN A 259 28.94 -15.05 1.14
C ASN A 259 28.02 -15.02 -0.08
N ALA A 260 26.74 -14.69 0.12
CA ALA A 260 25.79 -14.75 -1.01
C ALA A 260 26.44 -14.31 -2.30
N GLN A 261 27.29 -13.30 -2.29
CA GLN A 261 27.93 -12.94 -3.54
C GLN A 261 28.55 -14.21 -4.08
N ASN A 262 29.28 -14.90 -3.22
CA ASN A 262 29.92 -16.17 -3.56
C ASN A 262 28.85 -17.10 -4.19
N LEU A 263 27.63 -16.95 -3.69
CA LEU A 263 26.48 -17.74 -4.12
C LEU A 263 25.78 -17.29 -5.39
N ARG A 264 25.42 -16.00 -5.46
CA ARG A 264 24.76 -15.48 -6.67
C ARG A 264 25.69 -15.85 -7.79
N THR A 265 26.97 -15.66 -7.51
CA THR A 265 28.02 -15.95 -8.46
C THR A 265 28.03 -17.44 -8.76
N GLY A 266 27.60 -18.25 -7.80
CA GLY A 266 27.62 -19.68 -8.00
C GLY A 266 29.02 -20.15 -7.64
N LYS A 267 29.85 -19.20 -7.24
CA LYS A 267 31.24 -19.43 -6.83
C LYS A 267 31.23 -20.09 -5.46
N LEU A 268 30.54 -21.22 -5.35
CA LEU A 268 30.44 -21.92 -4.07
C LEU A 268 31.44 -23.04 -3.91
N THR A 269 31.96 -23.18 -2.69
CA THR A 269 32.95 -24.20 -2.36
C THR A 269 32.28 -25.51 -1.97
N PRO A 270 33.03 -26.48 -1.44
CA PRO A 270 32.38 -27.72 -1.04
C PRO A 270 31.86 -27.57 0.40
N GLU A 271 32.52 -26.70 1.16
CA GLU A 271 32.14 -26.40 2.54
C GLU A 271 31.01 -25.38 2.48
N ASP A 272 31.06 -24.55 1.46
CA ASP A 272 30.05 -23.52 1.23
C ASP A 272 28.76 -24.25 0.81
N TRP A 273 28.93 -25.29 0.01
CA TRP A 273 27.80 -26.06 -0.48
C TRP A 273 27.12 -26.55 0.77
N GLY A 274 27.95 -26.80 1.76
CA GLY A 274 27.44 -27.29 3.02
C GLY A 274 26.61 -26.25 3.71
N LYS A 275 27.28 -25.19 4.13
CA LYS A 275 26.55 -24.14 4.77
C LYS A 275 25.25 -24.00 3.95
N LEU A 276 25.40 -23.85 2.64
CA LEU A 276 24.25 -23.66 1.74
C LEU A 276 23.24 -24.74 2.00
N THR A 277 23.66 -25.98 1.78
CA THR A 277 22.81 -27.14 2.00
C THR A 277 22.33 -27.10 3.44
N MET A 278 23.07 -26.41 4.28
CA MET A 278 22.70 -26.37 5.67
C MET A 278 21.63 -25.36 5.99
N ALA A 279 21.83 -24.13 5.57
CA ALA A 279 20.83 -23.12 5.86
C ALA A 279 19.45 -23.69 5.54
N MET A 280 19.28 -24.20 4.33
CA MET A 280 17.99 -24.76 3.93
C MET A 280 17.46 -25.69 5.01
N GLY A 281 18.25 -26.67 5.41
CA GLY A 281 17.80 -27.56 6.44
C GLY A 281 17.05 -26.79 7.51
N SER A 282 17.70 -25.80 8.11
CA SER A 282 17.05 -25.02 9.15
C SER A 282 15.61 -24.68 8.81
N LEU A 283 15.40 -23.91 7.74
CA LEU A 283 14.04 -23.49 7.33
C LEU A 283 13.11 -24.63 6.96
N SER A 284 13.64 -25.70 6.37
CA SER A 284 12.79 -26.82 6.01
C SER A 284 11.81 -26.96 7.16
N ASN A 285 12.31 -27.22 8.35
CA ASN A 285 11.39 -27.36 9.46
C ASN A 285 10.79 -26.05 9.91
N ALA A 286 11.27 -24.93 9.37
CA ALA A 286 10.77 -23.59 9.72
C ALA A 286 9.35 -23.39 9.23
N GLY A 287 8.77 -22.25 9.59
CA GLY A 287 7.43 -21.92 9.16
C GLY A 287 7.42 -20.51 8.61
N ILE A 288 7.87 -20.31 7.37
CA ILE A 288 7.90 -19.00 6.74
C ILE A 288 6.91 -18.97 5.59
N TYR A 289 6.08 -17.93 5.60
CA TYR A 289 5.03 -17.76 4.60
C TYR A 289 5.14 -16.44 3.86
N ILE A 290 5.72 -16.46 2.67
CA ILE A 290 5.89 -15.25 1.92
C ILE A 290 4.76 -14.96 0.93
N ASP A 291 4.85 -13.74 0.41
CA ASP A 291 3.97 -13.17 -0.61
C ASP A 291 4.67 -11.89 -1.14
N ASP A 292 5.07 -11.98 -2.40
CA ASP A 292 5.79 -10.94 -3.11
C ASP A 292 4.96 -10.28 -4.18
N THR A 293 3.65 -10.44 -4.08
CA THR A 293 2.74 -9.83 -5.01
C THR A 293 3.17 -8.38 -5.26
N PRO A 294 3.14 -7.93 -6.52
CA PRO A 294 3.53 -6.58 -6.94
C PRO A 294 3.14 -5.48 -6.01
N SER A 295 1.85 -5.43 -5.70
CA SER A 295 1.31 -4.43 -4.80
C SER A 295 -0.09 -4.90 -4.60
N ILE A 296 -0.45 -5.10 -3.35
CA ILE A 296 -1.77 -5.59 -3.04
C ILE A 296 -2.51 -4.56 -2.25
N ARG A 297 -3.79 -4.86 -2.05
CA ARG A 297 -4.68 -4.00 -1.29
C ARG A 297 -4.82 -4.52 0.11
N VAL A 298 -5.08 -3.62 1.04
CA VAL A 298 -5.24 -4.01 2.40
C VAL A 298 -6.31 -5.08 2.48
N SER A 299 -7.28 -5.03 1.57
CA SER A 299 -8.36 -6.01 1.55
C SER A 299 -7.87 -7.45 1.33
N ASP A 300 -6.76 -7.59 0.63
CA ASP A 300 -6.21 -8.91 0.38
C ASP A 300 -5.30 -9.34 1.54
N ILE A 301 -4.46 -8.43 2.02
CA ILE A 301 -3.56 -8.73 3.14
C ILE A 301 -4.38 -9.38 4.21
N ARG A 302 -5.61 -8.89 4.36
CA ARG A 302 -6.49 -9.43 5.36
C ARG A 302 -6.90 -10.86 5.02
N ALA A 303 -7.51 -11.07 3.85
CA ALA A 303 -7.95 -12.41 3.49
C ALA A 303 -6.90 -13.53 3.63
N LYS A 304 -5.63 -13.22 3.36
CA LYS A 304 -4.55 -14.20 3.44
C LYS A 304 -3.96 -14.38 4.85
N CYS A 305 -3.93 -13.32 5.66
CA CYS A 305 -3.40 -13.40 7.02
C CYS A 305 -4.44 -14.20 7.75
N ARG A 306 -5.66 -13.67 7.80
CA ARG A 306 -6.80 -14.31 8.44
C ARG A 306 -7.00 -15.80 8.08
N ARG A 307 -6.92 -16.12 6.80
CA ARG A 307 -7.12 -17.50 6.33
C ARG A 307 -6.05 -18.48 6.82
N LEU A 308 -4.83 -17.98 6.98
CA LEU A 308 -3.73 -18.82 7.43
C LEU A 308 -3.94 -19.15 8.90
N LYS A 309 -4.17 -18.12 9.70
CA LYS A 309 -4.36 -18.36 11.11
C LYS A 309 -5.33 -19.49 11.22
N GLN A 310 -6.45 -19.43 10.51
CA GLN A 310 -7.40 -20.52 10.62
C GLN A 310 -6.94 -21.84 10.04
N GLU A 311 -6.04 -21.80 9.06
CA GLU A 311 -5.55 -23.02 8.44
C GLU A 311 -4.39 -23.67 9.23
N SER A 312 -3.24 -23.00 9.32
CA SER A 312 -2.04 -23.51 9.99
C SER A 312 -1.73 -22.92 11.36
N GLY A 313 -1.53 -21.61 11.44
CA GLY A 313 -1.23 -20.96 12.72
C GLY A 313 -0.48 -19.63 12.59
N LEU A 314 -1.21 -18.52 12.67
CA LEU A 314 -0.57 -17.24 12.51
C LEU A 314 0.01 -16.70 13.77
N GLY A 315 1.16 -16.06 13.59
CA GLY A 315 1.93 -15.46 14.67
C GLY A 315 2.47 -14.10 14.27
N MET A 316 3.36 -14.02 13.30
CA MET A 316 3.85 -12.71 12.91
C MET A 316 3.45 -12.34 11.48
N VAL A 317 3.61 -11.06 11.15
CA VAL A 317 3.29 -10.52 9.83
C VAL A 317 4.27 -9.38 9.61
N VAL A 318 5.25 -9.62 8.76
CA VAL A 318 6.24 -8.60 8.44
C VAL A 318 6.01 -8.08 7.04
N ILE A 319 5.37 -6.92 6.89
CA ILE A 319 5.15 -6.38 5.56
C ILE A 319 6.25 -5.39 5.20
N ASP A 320 6.96 -5.72 4.13
CA ASP A 320 8.08 -4.94 3.65
C ASP A 320 7.63 -3.65 2.98
N TYR A 321 7.73 -2.63 3.83
CA TYR A 321 7.35 -1.23 3.68
C TYR A 321 6.04 -0.88 3.07
N LEU A 322 5.20 -0.42 4.01
CA LEU A 322 3.81 -0.03 3.81
C LEU A 322 3.53 0.94 2.71
N GLN A 323 4.41 1.91 2.52
CA GLN A 323 4.20 2.90 1.49
C GLN A 323 3.81 2.27 0.18
N LEU A 324 4.42 1.14 -0.14
CA LEU A 324 4.14 0.48 -1.41
C LEU A 324 2.89 -0.34 -1.54
N ILE A 325 1.99 -0.23 -0.54
CA ILE A 325 0.70 -0.96 -0.56
C ILE A 325 -0.32 -0.14 -1.30
N GLN A 326 -1.16 -0.78 -2.11
CA GLN A 326 -2.14 -0.02 -2.85
C GLN A 326 -3.41 0.30 -2.10
N GLY A 327 -3.72 1.59 -2.04
CA GLY A 327 -4.90 2.05 -1.34
C GLY A 327 -6.15 2.12 -2.19
N SER A 328 -7.11 1.28 -1.87
CA SER A 328 -8.36 1.22 -2.58
C SER A 328 -9.08 2.55 -2.62
N GLY A 329 -8.90 3.34 -1.55
CA GLY A 329 -9.53 4.63 -1.41
C GLY A 329 -9.48 5.53 -2.64
N ARG A 330 -9.68 6.84 -2.47
CA ARG A 330 -9.65 7.76 -3.62
C ARG A 330 -8.25 8.28 -3.95
N ASN A 331 -7.98 8.24 -5.25
CA ASN A 331 -6.71 8.57 -5.88
C ASN A 331 -6.20 10.01 -6.03
N ARG A 332 -5.16 10.06 -6.86
CA ARG A 332 -4.42 11.24 -7.29
C ARG A 332 -3.91 12.28 -6.26
N GLU A 333 -2.92 11.87 -5.45
CA GLU A 333 -2.20 12.70 -4.46
C GLU A 333 -2.76 13.10 -3.10
N ASN A 334 -3.26 12.11 -2.37
CA ASN A 334 -3.79 12.35 -1.04
C ASN A 334 -3.22 11.21 -0.20
N ARG A 335 -1.94 10.95 -0.41
CA ARG A 335 -1.21 9.90 0.28
C ARG A 335 -1.24 10.13 1.77
N GLN A 336 -1.12 11.40 2.16
CA GLN A 336 -1.16 11.75 3.58
C GLN A 336 -2.38 11.00 4.09
N GLN A 337 -3.48 11.11 3.35
CA GLN A 337 -4.72 10.45 3.72
C GLN A 337 -4.71 8.98 3.35
N GLU A 338 -4.21 8.66 2.15
CA GLU A 338 -4.18 7.27 1.72
C GLU A 338 -3.56 6.38 2.81
N VAL A 339 -2.32 6.68 3.16
CA VAL A 339 -1.65 5.90 4.18
C VAL A 339 -2.55 5.93 5.40
N SER A 340 -3.11 7.09 5.71
CA SER A 340 -3.97 7.21 6.87
C SER A 340 -5.06 6.17 6.85
N GLU A 341 -5.59 5.83 5.67
CA GLU A 341 -6.66 4.84 5.60
C GLU A 341 -6.14 3.40 5.75
N ILE A 342 -5.03 3.08 5.11
CA ILE A 342 -4.52 1.71 5.22
C ILE A 342 -3.76 1.48 6.52
N SER A 343 -2.78 2.32 6.83
CA SER A 343 -2.05 2.12 8.07
C SER A 343 -3.04 1.91 9.18
N ARG A 344 -4.23 2.51 9.07
CA ARG A 344 -5.26 2.38 10.11
C ARG A 344 -5.92 1.00 10.13
N SER A 345 -6.01 0.34 8.99
CA SER A 345 -6.62 -0.99 8.97
C SER A 345 -5.65 -2.04 9.58
N LEU A 346 -4.34 -1.80 9.39
CA LEU A 346 -3.27 -2.64 9.91
C LEU A 346 -3.39 -2.66 11.40
N LYS A 347 -3.55 -1.48 11.98
CA LYS A 347 -3.73 -1.41 13.41
C LYS A 347 -4.99 -2.20 13.68
N ALA A 348 -6.02 -2.07 12.86
CA ALA A 348 -7.24 -2.86 13.08
C ALA A 348 -6.94 -4.37 12.93
N LEU A 349 -5.96 -4.71 12.11
CA LEU A 349 -5.55 -6.09 11.90
C LEU A 349 -4.63 -6.68 12.99
N ALA A 350 -3.92 -5.84 13.73
CA ALA A 350 -3.03 -6.32 14.79
C ALA A 350 -3.96 -6.89 15.83
N ARG A 351 -5.21 -6.46 15.76
CA ARG A 351 -6.25 -6.83 16.70
C ARG A 351 -6.97 -8.12 16.39
N GLU A 352 -7.42 -8.27 15.16
CA GLU A 352 -8.16 -9.49 14.82
C GLU A 352 -7.41 -10.83 14.94
N LEU A 353 -6.23 -10.93 14.35
CA LEU A 353 -5.47 -12.16 14.41
C LEU A 353 -4.60 -12.30 15.68
N GLU A 354 -4.82 -11.41 16.63
CA GLU A 354 -4.09 -11.43 17.90
C GLU A 354 -2.63 -11.74 17.68
N VAL A 355 -2.00 -10.87 16.90
CA VAL A 355 -0.64 -11.06 16.49
C VAL A 355 0.00 -9.69 16.25
N PRO A 356 1.33 -9.60 16.17
CA PRO A 356 2.03 -8.34 15.93
C PRO A 356 2.24 -8.10 14.45
N VAL A 357 1.65 -7.05 13.91
CA VAL A 357 1.79 -6.71 12.51
C VAL A 357 2.98 -5.78 12.39
N ILE A 358 4.17 -6.35 12.34
CA ILE A 358 5.38 -5.53 12.26
C ILE A 358 5.48 -4.99 10.89
N ALA A 359 5.65 -3.69 10.75
CA ALA A 359 5.78 -3.09 9.44
C ALA A 359 7.02 -2.24 9.41
N LEU A 360 7.59 -2.06 8.22
CA LEU A 360 8.78 -1.25 8.12
C LEU A 360 8.50 -0.03 7.30
N SER A 361 8.26 1.09 7.96
CA SER A 361 8.01 2.29 7.18
C SER A 361 9.40 2.72 6.73
N GLN A 362 9.71 2.59 5.44
CA GLN A 362 11.03 3.01 4.95
C GLN A 362 10.92 4.15 3.95
N LEU A 363 12.02 4.43 3.28
CA LEU A 363 11.97 5.52 2.31
C LEU A 363 13.11 5.55 1.31
N SER A 364 12.99 6.48 0.36
CA SER A 364 13.94 6.70 -0.73
C SER A 364 14.18 8.20 -0.93
N ARG A 365 13.17 8.83 -1.48
CA ARG A 365 13.26 10.26 -1.76
C ARG A 365 13.64 11.28 -0.69
N SER A 366 12.72 11.57 0.21
CA SER A 366 13.03 12.55 1.26
C SER A 366 14.19 12.21 2.25
N VAL A 367 14.35 10.95 2.65
CA VAL A 367 15.41 10.53 3.56
C VAL A 367 16.78 10.58 2.91
N GLU A 368 16.92 10.02 1.70
CA GLU A 368 18.19 10.04 1.02
C GLU A 368 18.59 11.47 0.70
N GLN A 369 17.66 12.24 0.16
CA GLN A 369 17.98 13.62 -0.20
C GLN A 369 18.42 14.47 1.02
N ARG A 370 18.09 14.05 2.23
CA ARG A 370 18.44 14.85 3.41
C ARG A 370 19.90 14.61 3.90
N GLN A 371 20.77 14.21 2.97
CA GLN A 371 22.20 13.94 3.26
C GLN A 371 22.98 15.11 3.89
N ASP A 372 24.00 14.80 4.69
CA ASP A 372 24.87 15.79 5.32
C ASP A 372 26.08 15.13 6.00
N PRO A 375 17.34 9.58 13.61
CA PRO A 375 15.95 9.99 13.25
C PRO A 375 15.04 10.17 14.47
N MET A 376 13.86 10.74 14.24
CA MET A 376 12.86 10.99 15.29
C MET A 376 11.41 11.01 14.79
N MET A 377 10.48 11.23 15.71
CA MET A 377 9.07 11.26 15.37
C MET A 377 8.65 12.18 14.20
N SER A 378 8.99 13.46 14.23
CA SER A 378 8.56 14.38 13.15
C SER A 378 8.80 13.86 11.74
N ASP A 379 9.77 12.98 11.59
CA ASP A 379 10.10 12.42 10.31
C ASP A 379 8.99 11.55 9.76
N LEU A 380 8.53 10.56 10.51
CA LEU A 380 7.44 9.75 9.98
C LEU A 380 6.12 10.52 10.08
N ARG A 381 6.03 11.51 10.96
CA ARG A 381 4.77 12.27 11.07
C ARG A 381 4.44 12.89 9.72
N GLU A 382 5.48 13.21 8.93
CA GLU A 382 5.29 13.78 7.60
C GLU A 382 4.51 12.73 6.82
N SER A 383 4.85 11.47 7.10
CA SER A 383 4.18 10.36 6.45
C SER A 383 2.76 10.25 6.95
N GLY A 384 2.47 10.89 8.09
CA GLY A 384 1.13 10.97 8.66
C GLY A 384 0.31 9.95 9.43
N SER A 385 -0.03 10.28 10.68
CA SER A 385 -0.85 9.45 11.55
C SER A 385 -0.60 7.94 11.61
N ILE A 386 0.65 7.53 11.42
CA ILE A 386 1.00 6.14 11.51
C ILE A 386 1.40 6.11 12.96
N GLU A 387 2.01 7.20 13.38
CA GLU A 387 2.44 7.34 14.76
C GLU A 387 1.32 7.09 15.77
N GLN A 388 0.08 7.49 15.46
CA GLN A 388 -1.06 7.29 16.38
C GLN A 388 -1.53 5.82 16.49
N ASP A 389 -1.69 5.18 15.33
CA ASP A 389 -2.12 3.78 15.25
C ASP A 389 -1.08 2.85 15.83
N ALA A 390 0.19 3.14 15.60
CA ALA A 390 1.28 2.30 16.08
C ALA A 390 1.42 2.21 17.57
N ASP A 391 1.50 0.99 18.09
CA ASP A 391 1.67 0.82 19.52
C ASP A 391 3.15 0.83 19.76
N ILE A 392 3.91 0.63 18.69
CA ILE A 392 5.35 0.66 18.80
C ILE A 392 6.02 1.12 17.51
N VAL A 393 6.86 2.14 17.65
CA VAL A 393 7.57 2.71 16.54
C VAL A 393 9.05 2.65 16.85
N ALA A 394 9.82 2.16 15.87
CA ALA A 394 11.27 2.04 16.02
C ALA A 394 12.00 2.56 14.79
N PHE A 395 13.14 3.19 15.03
CA PHE A 395 13.92 3.72 13.94
C PHE A 395 15.28 3.09 13.92
N LEU A 396 15.81 2.87 12.73
CA LEU A 396 17.12 2.27 12.59
C LEU A 396 18.08 3.37 12.20
N TYR A 397 19.18 3.49 12.94
CA TYR A 397 20.15 4.51 12.67
C TYR A 397 21.59 3.94 12.59
N ARG A 398 22.24 4.10 11.44
CA ARG A 398 23.60 3.62 11.23
C ARG A 398 24.41 4.62 10.40
N ASP A 399 25.67 4.78 10.77
CA ASP A 399 26.53 5.69 10.05
C ASP A 399 27.31 4.85 9.06
N ASP A 400 28.05 5.51 8.18
CA ASP A 400 28.84 4.87 7.11
C ASP A 400 30.33 5.16 7.33
N ASN A 403 37.09 2.79 10.25
CA ASN A 403 38.50 2.31 10.12
C ASN A 403 38.70 1.32 8.98
N LYS A 404 39.82 1.47 8.28
CA LYS A 404 40.22 0.62 7.14
C LYS A 404 40.66 -0.76 7.64
N ASP A 405 40.78 -0.88 8.97
CA ASP A 405 41.18 -2.12 9.62
C ASP A 405 40.08 -3.16 9.48
N SER A 406 40.49 -4.41 9.26
CA SER A 406 39.58 -5.54 9.05
C SER A 406 38.70 -5.98 10.23
N GLU A 407 38.22 -7.23 10.20
CA GLU A 407 37.35 -7.77 11.25
C GLU A 407 36.14 -6.91 10.95
N ASN A 408 35.94 -6.83 9.65
CA ASN A 408 34.86 -6.09 8.98
C ASN A 408 33.34 -6.20 9.29
N LYS A 409 32.82 -5.17 9.93
CA LYS A 409 31.41 -5.07 10.32
C LYS A 409 31.03 -3.58 10.50
N ASN A 410 29.85 -3.34 11.08
CA ASN A 410 29.37 -1.97 11.30
C ASN A 410 28.25 -1.97 12.33
N ILE A 411 28.49 -1.35 13.48
CA ILE A 411 27.47 -1.29 14.54
C ILE A 411 26.28 -0.39 14.27
N ILE A 412 25.13 -1.02 14.10
CA ILE A 412 23.89 -0.28 13.83
C ILE A 412 23.21 -0.05 15.19
N GLU A 413 22.50 1.06 15.29
CA GLU A 413 21.82 1.41 16.53
C GLU A 413 20.31 1.42 16.36
N ILE A 414 19.60 0.90 17.37
CA ILE A 414 18.14 0.86 17.35
C ILE A 414 17.56 1.90 18.28
N ILE A 415 16.88 2.87 17.70
CA ILE A 415 16.27 3.95 18.44
C ILE A 415 14.76 3.87 18.35
N ILE A 416 14.18 3.15 19.31
CA ILE A 416 12.73 2.98 19.37
C ILE A 416 12.19 4.27 19.93
N ALA A 417 11.36 4.95 19.16
CA ALA A 417 10.83 6.20 19.62
C ALA A 417 9.48 6.12 20.32
N LYS A 418 8.86 4.94 20.42
CA LYS A 418 7.56 4.84 21.09
C LYS A 418 7.12 3.44 21.45
N GLN A 419 6.27 3.31 22.46
CA GLN A 419 5.74 2.02 22.87
C GLN A 419 4.71 2.15 24.00
N ARG A 420 3.49 1.69 23.75
CA ARG A 420 2.40 1.76 24.73
C ARG A 420 2.82 1.52 26.17
N ASN A 421 3.33 0.33 26.46
CA ASN A 421 3.76 0.07 27.82
C ASN A 421 5.24 -0.32 27.78
N GLY A 422 6.10 0.68 27.60
CA GLY A 422 7.54 0.48 27.53
C GLY A 422 8.40 1.71 27.82
N VAL A 427 18.69 -0.01 22.27
CA VAL A 427 19.07 -1.37 21.80
C VAL A 427 20.21 -1.22 20.83
N GLN A 428 20.90 -2.31 20.53
CA GLN A 428 22.00 -2.26 19.58
C GLN A 428 22.36 -3.63 18.99
N LEU A 429 22.54 -3.65 17.66
CA LEU A 429 22.87 -4.86 16.92
C LEU A 429 24.01 -4.58 15.96
N ALA A 430 24.98 -5.46 15.92
CA ALA A 430 26.08 -5.29 14.99
C ALA A 430 25.54 -5.83 13.68
N PHE A 431 25.93 -5.25 12.55
CA PHE A 431 25.47 -5.75 11.26
C PHE A 431 26.54 -6.53 10.50
N ILE A 432 26.13 -7.43 9.62
CA ILE A 432 27.08 -8.21 8.86
C ILE A 432 26.83 -8.06 7.37
N LYS A 433 27.76 -7.35 6.72
CA LYS A 433 27.69 -7.07 5.30
C LYS A 433 27.96 -8.27 4.39
N GLU A 434 28.76 -9.22 4.86
CA GLU A 434 29.12 -10.39 4.06
C GLU A 434 27.96 -11.37 3.86
N TYR A 435 27.08 -11.44 4.86
CA TYR A 435 25.95 -12.35 4.80
C TYR A 435 24.63 -11.60 4.98
N ASN A 436 24.71 -10.29 5.11
CA ASN A 436 23.50 -9.50 5.27
C ASN A 436 22.70 -10.10 6.39
N LYS A 437 23.19 -9.98 7.59
CA LYS A 437 22.51 -10.55 8.74
C LYS A 437 22.62 -9.61 9.89
N PHE A 438 22.27 -10.10 11.06
CA PHE A 438 22.35 -9.26 12.23
C PHE A 438 22.83 -10.13 13.38
N VAL A 439 23.69 -9.58 14.24
CA VAL A 439 24.25 -10.30 15.40
C VAL A 439 24.11 -9.54 16.72
N ASN A 440 23.96 -10.26 17.83
CA ASN A 440 23.84 -9.62 19.13
C ASN A 440 25.20 -9.15 19.65
N LEU A 441 25.20 -8.45 20.69
N GLU B 7 -36.37 0.58 -8.11
CA GLU B 7 -37.29 1.68 -8.57
C GLU B 7 -37.05 2.01 -10.04
N ARG B 8 -35.87 1.61 -10.52
CA ARG B 8 -35.45 1.73 -11.91
C ARG B 8 -34.90 0.30 -11.92
N ILE B 9 -34.08 -0.16 -12.87
CA ILE B 9 -33.73 -1.58 -12.76
C ILE B 9 -32.37 -2.24 -12.98
N PRO B 10 -31.40 -1.54 -13.58
CA PRO B 10 -30.10 -2.20 -13.77
C PRO B 10 -29.64 -2.76 -12.42
N PRO B 11 -28.50 -3.49 -12.36
CA PRO B 11 -27.95 -4.10 -11.14
C PRO B 11 -27.87 -3.21 -9.90
N GLN B 12 -28.36 -3.71 -8.77
CA GLN B 12 -28.37 -2.96 -7.50
C GLN B 12 -28.95 -3.75 -6.34
N SER B 13 -28.27 -3.82 -5.20
CA SER B 13 -28.82 -4.52 -4.04
C SER B 13 -28.96 -3.53 -2.89
N ILE B 14 -29.90 -2.61 -3.04
CA ILE B 14 -30.13 -1.59 -2.06
C ILE B 14 -30.10 -2.18 -0.67
N GLU B 15 -30.82 -3.28 -0.45
CA GLU B 15 -30.84 -3.90 0.88
C GLU B 15 -29.45 -4.14 1.47
N ALA B 16 -28.55 -4.75 0.69
CA ALA B 16 -27.18 -5.03 1.15
C ALA B 16 -26.51 -3.73 1.61
N GLU B 17 -26.56 -2.74 0.72
CA GLU B 17 -25.99 -1.45 1.01
C GLU B 17 -26.50 -0.96 2.36
N GLN B 18 -27.82 -0.96 2.52
CA GLN B 18 -28.39 -0.51 3.77
C GLN B 18 -27.72 -1.25 4.91
N ALA B 19 -27.45 -2.53 4.72
CA ALA B 19 -26.80 -3.29 5.77
C ALA B 19 -25.45 -2.65 6.12
N VAL B 20 -24.57 -2.60 5.12
CA VAL B 20 -23.23 -2.03 5.29
C VAL B 20 -23.26 -0.69 5.97
N LEU B 21 -24.10 0.20 5.48
CA LEU B 21 -24.19 1.47 6.16
C LEU B 21 -24.51 1.10 7.61
N GLY B 22 -25.71 0.56 7.80
CA GLY B 22 -26.19 0.18 9.12
C GLY B 22 -25.09 -0.37 9.98
N ALA B 23 -24.32 -1.25 9.37
CA ALA B 23 -23.22 -1.87 10.08
C ALA B 23 -22.35 -0.85 10.76
N VAL B 24 -21.69 -0.04 9.95
CA VAL B 24 -20.81 0.95 10.52
C VAL B 24 -21.49 1.54 11.73
N PHE B 25 -22.68 2.10 11.54
CA PHE B 25 -23.33 2.69 12.67
C PHE B 25 -23.28 1.81 13.90
N LEU B 26 -23.65 0.53 13.78
CA LEU B 26 -23.71 -0.39 14.93
C LEU B 26 -22.41 -0.65 15.67
N ASP B 27 -21.31 -0.70 14.95
CA ASP B 27 -20.00 -0.93 15.55
C ASP B 27 -19.06 -0.21 14.63
N PRO B 28 -18.39 0.84 15.11
CA PRO B 28 -17.47 1.59 14.24
C PRO B 28 -16.60 0.68 13.44
N THR B 29 -16.14 -0.36 14.08
CA THR B 29 -15.32 -1.28 13.36
C THR B 29 -15.87 -1.65 11.99
N ALA B 30 -17.19 -1.72 11.86
CA ALA B 30 -17.79 -2.08 10.57
C ALA B 30 -17.15 -1.28 9.46
N LEU B 31 -17.06 0.02 9.67
CA LEU B 31 -16.49 0.93 8.68
C LEU B 31 -15.17 0.42 8.17
N THR B 32 -14.13 0.57 9.00
CA THR B 32 -12.79 0.14 8.64
C THR B 32 -12.73 -1.23 7.97
N LEU B 33 -13.69 -2.12 8.19
CA LEU B 33 -13.61 -3.37 7.46
C LEU B 33 -14.22 -3.13 6.09
N ALA B 34 -15.38 -2.48 6.06
CA ALA B 34 -16.03 -2.18 4.79
C ALA B 34 -15.05 -1.41 3.92
N SER B 35 -14.42 -0.38 4.50
CA SER B 35 -13.47 0.49 3.81
C SER B 35 -12.33 -0.26 3.15
N GLU B 36 -12.19 -1.53 3.49
CA GLU B 36 -11.14 -2.32 2.89
C GLU B 36 -11.65 -2.82 1.55
N ARG B 37 -12.97 -2.76 1.34
CA ARG B 37 -13.55 -3.27 0.10
C ARG B 37 -14.37 -2.28 -0.73
N LEU B 38 -14.93 -1.26 -0.10
CA LEU B 38 -15.74 -0.32 -0.88
C LEU B 38 -15.28 1.16 -0.85
N ILE B 39 -15.50 1.90 -1.94
CA ILE B 39 -15.18 3.32 -2.07
C ILE B 39 -16.48 4.08 -2.27
N PRO B 40 -16.69 5.25 -1.62
CA PRO B 40 -17.99 5.90 -1.84
C PRO B 40 -18.65 5.59 -3.18
N GLU B 41 -17.98 5.87 -4.28
CA GLU B 41 -18.60 5.60 -5.56
C GLU B 41 -19.30 4.26 -5.67
N ASP B 42 -18.80 3.25 -4.96
CA ASP B 42 -19.38 1.89 -5.01
C ASP B 42 -20.90 1.76 -4.85
N PHE B 43 -21.43 2.49 -3.87
CA PHE B 43 -22.86 2.45 -3.54
C PHE B 43 -23.72 2.86 -4.69
N TYR B 44 -24.89 2.25 -4.79
CA TYR B 44 -25.75 2.60 -5.89
C TYR B 44 -26.20 4.05 -5.87
N ARG B 45 -27.06 4.46 -4.93
CA ARG B 45 -27.45 5.86 -5.01
C ARG B 45 -27.02 6.94 -4.03
N ALA B 46 -27.25 8.16 -4.51
CA ALA B 46 -26.87 9.40 -3.85
C ALA B 46 -26.87 9.52 -2.33
N ALA B 47 -27.96 9.21 -1.64
CA ALA B 47 -27.90 9.36 -0.20
C ALA B 47 -26.74 8.55 0.37
N HIS B 48 -26.73 7.27 0.03
CA HIS B 48 -25.75 6.34 0.49
C HIS B 48 -24.42 6.82 0.05
N GLN B 49 -24.29 7.01 -1.24
CA GLN B 49 -23.01 7.43 -1.74
C GLN B 49 -22.43 8.41 -0.77
N LYS B 50 -23.10 9.53 -0.55
CA LYS B 50 -22.51 10.54 0.32
C LYS B 50 -22.40 10.16 1.78
N ILE B 51 -23.29 9.34 2.28
CA ILE B 51 -23.20 9.00 3.68
C ILE B 51 -21.96 8.21 3.97
N PHE B 52 -21.74 7.18 3.17
CA PHE B 52 -20.56 6.37 3.35
C PHE B 52 -19.42 7.37 3.30
N HIS B 53 -19.58 8.37 2.43
CA HIS B 53 -18.54 9.37 2.27
C HIS B 53 -18.38 10.02 3.64
N ALA B 54 -19.42 10.69 4.10
CA ALA B 54 -19.31 11.35 5.38
C ALA B 54 -18.58 10.39 6.27
N MET B 55 -19.08 9.16 6.26
CA MET B 55 -18.49 8.14 7.05
C MET B 55 -17.03 8.31 6.78
N LEU B 56 -16.59 7.81 5.63
CA LEU B 56 -15.21 7.91 5.32
C LEU B 56 -14.60 9.25 5.72
N ARG B 57 -15.33 10.35 5.59
CA ARG B 57 -14.75 11.65 5.94
C ARG B 57 -14.38 11.82 7.40
N VAL B 58 -15.33 11.61 8.30
CA VAL B 58 -15.03 11.77 9.72
C VAL B 58 -13.89 10.82 10.08
N ALA B 59 -13.73 9.76 9.29
CA ALA B 59 -12.66 8.82 9.55
C ALA B 59 -11.38 9.63 9.53
N ASP B 60 -10.89 9.91 8.33
CA ASP B 60 -9.68 10.69 8.18
C ASP B 60 -9.40 11.75 9.24
N LYS B 61 -10.42 12.54 9.60
CA LYS B 61 -10.21 13.58 10.60
C LYS B 61 -9.54 13.00 11.82
N GLY B 62 -9.91 11.77 12.16
CA GLY B 62 -9.33 11.15 13.33
C GLY B 62 -10.39 11.07 14.41
N GLU B 63 -11.60 11.50 14.05
CA GLU B 63 -12.72 11.47 14.98
C GLU B 63 -13.33 10.11 14.77
N PRO B 64 -13.87 9.50 15.83
CA PRO B 64 -14.51 8.18 15.79
C PRO B 64 -15.85 8.24 15.09
N VAL B 65 -16.01 7.42 14.07
CA VAL B 65 -17.23 7.43 13.30
C VAL B 65 -18.36 6.77 14.04
N ASP B 66 -19.50 7.43 14.14
CA ASP B 66 -20.65 6.86 14.83
C ASP B 66 -21.81 7.74 14.52
N LEU B 67 -23.02 7.27 14.80
CA LEU B 67 -24.23 8.04 14.54
C LEU B 67 -24.12 9.56 14.73
N VAL B 68 -23.27 10.05 15.65
CA VAL B 68 -23.15 11.52 15.79
C VAL B 68 -22.26 12.07 14.70
N THR B 69 -20.95 11.96 14.87
CA THR B 69 -20.04 12.47 13.86
C THR B 69 -20.46 12.34 12.36
N VAL B 70 -21.31 11.37 12.06
CA VAL B 70 -21.78 11.17 10.70
C VAL B 70 -22.93 12.12 10.59
N THR B 71 -23.92 12.00 11.47
CA THR B 71 -25.05 12.90 11.42
C THR B 71 -24.56 14.31 11.48
N ALA B 72 -23.45 14.54 12.16
CA ALA B 72 -22.93 15.91 12.24
C ALA B 72 -22.25 16.22 10.93
N GLU B 73 -21.21 15.47 10.59
CA GLU B 73 -20.54 15.73 9.33
C GLU B 73 -21.55 15.87 8.19
N LEU B 74 -22.43 14.88 8.03
CA LEU B 74 -23.42 14.98 6.98
C LEU B 74 -24.07 16.32 7.05
N ALA B 75 -24.75 16.64 8.14
CA ALA B 75 -25.38 17.95 8.24
C ALA B 75 -24.37 19.10 8.09
N ALA B 76 -23.09 18.78 8.28
CA ALA B 76 -22.01 19.75 8.17
C ALA B 76 -21.72 20.06 6.72
N LEU B 77 -21.93 19.07 5.86
CA LEU B 77 -21.66 19.24 4.45
C LEU B 77 -23.00 19.35 3.73
N GLU B 78 -23.92 20.06 4.40
CA GLU B 78 -25.27 20.36 3.96
C GLU B 78 -25.97 19.45 2.98
N GLN B 79 -26.15 18.17 3.29
CA GLN B 79 -26.83 17.26 2.36
C GLN B 79 -27.73 16.42 3.23
N LEU B 80 -27.77 16.80 4.50
CA LEU B 80 -28.55 16.08 5.46
C LEU B 80 -30.04 16.00 5.14
N GLU B 81 -30.76 17.11 5.09
CA GLU B 81 -32.20 16.98 4.84
C GLU B 81 -32.62 16.17 3.61
N GLU B 82 -31.73 16.11 2.63
CA GLU B 82 -32.02 15.39 1.40
C GLU B 82 -31.28 14.05 1.30
N VAL B 83 -30.50 13.68 2.34
CA VAL B 83 -29.82 12.36 2.34
C VAL B 83 -30.79 11.46 3.00
N GLY B 84 -31.83 12.06 3.54
CA GLY B 84 -32.84 11.31 4.24
C GLY B 84 -33.19 11.97 5.55
N GLY B 85 -32.27 12.78 6.05
CA GLY B 85 -32.53 13.43 7.31
C GLY B 85 -32.20 12.44 8.39
N VAL B 86 -32.23 12.88 9.62
CA VAL B 86 -31.89 12.01 10.71
C VAL B 86 -32.74 10.72 10.83
N SER B 87 -34.02 10.84 10.48
CA SER B 87 -34.93 9.70 10.57
C SER B 87 -34.47 8.50 9.77
N TYR B 88 -34.22 8.68 8.49
CA TYR B 88 -33.77 7.59 7.64
C TYR B 88 -32.42 7.09 8.16
N LEU B 89 -31.61 8.01 8.68
CA LEU B 89 -30.30 7.66 9.20
C LEU B 89 -30.50 6.64 10.28
N SER B 90 -31.17 7.07 11.35
CA SER B 90 -31.42 6.18 12.46
C SER B 90 -31.97 4.85 11.91
N GLU B 91 -32.76 4.93 10.84
CA GLU B 91 -33.38 3.73 10.26
C GLU B 91 -32.38 2.65 9.89
N LEU B 92 -31.44 2.98 9.03
CA LEU B 92 -30.42 2.03 8.61
C LEU B 92 -29.73 1.50 9.86
N ALA B 93 -29.62 2.39 10.84
CA ALA B 93 -28.97 2.10 12.09
C ALA B 93 -29.63 0.98 12.87
N ASP B 94 -30.84 1.23 13.35
CA ASP B 94 -31.58 0.25 14.13
C ASP B 94 -31.70 -1.03 13.31
N SER B 95 -31.55 -0.90 11.99
CA SER B 95 -31.65 -2.01 11.04
C SER B 95 -30.73 -3.20 11.32
N VAL B 96 -29.44 -3.00 11.20
CA VAL B 96 -28.55 -4.11 11.45
C VAL B 96 -28.61 -4.49 12.93
N PRO B 97 -28.70 -5.80 13.23
CA PRO B 97 -28.75 -6.40 14.57
C PRO B 97 -27.39 -6.68 15.20
N THR B 98 -26.40 -6.95 14.35
CA THR B 98 -25.05 -7.24 14.81
C THR B 98 -23.99 -6.69 13.85
N ALA B 99 -22.72 -7.03 14.05
CA ALA B 99 -21.67 -6.51 13.17
C ALA B 99 -20.45 -7.40 13.06
N ALA B 100 -20.59 -8.51 12.35
CA ALA B 100 -19.50 -9.44 12.16
C ALA B 100 -19.76 -10.33 10.94
N ASN B 101 -20.76 -9.92 10.16
CA ASN B 101 -21.12 -10.61 8.92
C ASN B 101 -20.94 -9.58 7.83
N VAL B 102 -21.00 -8.32 8.25
CA VAL B 102 -20.86 -7.16 7.38
C VAL B 102 -19.93 -7.45 6.23
N GLU B 103 -18.83 -8.11 6.53
CA GLU B 103 -17.92 -8.39 5.47
C GLU B 103 -18.70 -9.08 4.37
N TYR B 104 -19.74 -9.83 4.71
CA TYR B 104 -20.51 -10.48 3.65
C TYR B 104 -21.23 -9.45 2.78
N TYR B 105 -22.23 -8.81 3.35
CA TYR B 105 -23.00 -7.81 2.61
C TYR B 105 -22.09 -6.87 1.84
N ALA B 106 -21.02 -6.46 2.49
CA ALA B 106 -20.10 -5.57 1.83
C ALA B 106 -19.71 -6.26 0.53
N ARG B 107 -19.21 -7.48 0.65
CA ARG B 107 -18.80 -8.26 -0.52
C ARG B 107 -19.83 -8.27 -1.63
N ILE B 108 -21.10 -8.40 -1.30
CA ILE B 108 -22.09 -8.37 -2.36
C ILE B 108 -22.09 -6.99 -2.97
N VAL B 109 -22.34 -5.97 -2.17
CA VAL B 109 -22.38 -4.59 -2.67
C VAL B 109 -21.34 -4.35 -3.76
N GLU B 110 -20.13 -4.81 -3.47
CA GLU B 110 -19.00 -4.68 -4.36
C GLU B 110 -19.38 -5.36 -5.66
N GLU B 111 -19.72 -6.64 -5.56
CA GLU B 111 -20.08 -7.38 -6.76
C GLU B 111 -21.02 -6.51 -7.62
N LYS B 112 -22.13 -6.06 -7.05
CA LYS B 112 -23.05 -5.23 -7.80
C LYS B 112 -22.25 -4.15 -8.49
N SER B 113 -21.37 -3.51 -7.71
CA SER B 113 -20.54 -2.44 -8.25
C SER B 113 -19.79 -2.89 -9.51
N LEU B 114 -19.21 -4.08 -9.43
CA LEU B 114 -18.49 -4.63 -10.55
C LEU B 114 -19.44 -4.75 -11.74
N LEU B 115 -20.45 -5.59 -11.62
CA LEU B 115 -21.43 -5.80 -12.70
C LEU B 115 -21.95 -4.53 -13.35
N ARG B 116 -22.27 -3.54 -12.52
CA ARG B 116 -22.75 -2.26 -13.03
C ARG B 116 -21.64 -1.68 -13.92
N ARG B 117 -20.45 -1.48 -13.35
CA ARG B 117 -19.29 -0.91 -14.06
C ARG B 117 -18.83 -1.78 -15.24
N LEU B 118 -19.20 -3.04 -15.16
CA LEU B 118 -18.88 -4.00 -16.20
C LEU B 118 -19.78 -3.61 -17.36
N ILE B 119 -21.07 -3.58 -17.12
CA ILE B 119 -22.02 -3.22 -18.15
C ILE B 119 -21.78 -1.82 -18.62
N ARG B 120 -21.31 -0.95 -17.74
CA ARG B 120 -21.06 0.42 -18.13
C ARG B 120 -19.94 0.51 -19.17
N THR B 121 -18.82 -0.18 -18.92
CA THR B 121 -17.72 -0.12 -19.87
C THR B 121 -18.17 -0.74 -21.21
N ALA B 122 -18.70 -1.96 -21.18
CA ALA B 122 -19.15 -2.62 -22.41
C ALA B 122 -19.96 -1.67 -23.27
N THR B 123 -20.89 -0.98 -22.64
CA THR B 123 -21.76 -0.04 -23.30
C THR B 123 -20.95 1.14 -23.86
N SER B 124 -19.81 1.43 -23.26
CA SER B 124 -18.98 2.51 -23.75
C SER B 124 -18.55 2.16 -25.17
N ILE B 125 -17.90 1.00 -25.30
CA ILE B 125 -17.45 0.51 -26.61
C ILE B 125 -18.60 0.63 -27.61
N ALA B 126 -19.74 0.06 -27.21
CA ALA B 126 -20.94 0.05 -28.02
C ALA B 126 -21.09 1.40 -28.62
N GLN B 127 -21.75 2.29 -27.88
CA GLN B 127 -21.95 3.64 -28.34
C GLN B 127 -20.73 4.15 -29.10
N ASP B 128 -19.56 3.61 -28.80
CA ASP B 128 -18.34 4.04 -29.48
C ASP B 128 -18.25 3.53 -30.91
N GLY B 129 -18.33 2.21 -31.05
CA GLY B 129 -18.26 1.65 -32.39
C GLY B 129 -18.95 2.51 -33.42
N TYR B 130 -20.15 2.95 -33.11
CA TYR B 130 -20.89 3.76 -34.04
C TYR B 130 -20.27 5.13 -34.21
N THR B 131 -19.84 5.73 -33.10
CA THR B 131 -19.31 7.09 -33.16
C THR B 131 -17.86 7.31 -33.53
N ARG B 132 -17.22 6.34 -34.15
CA ARG B 132 -15.84 6.54 -34.54
C ARG B 132 -15.43 5.61 -35.66
N GLU B 133 -16.25 5.62 -36.71
CA GLU B 133 -16.03 4.78 -37.89
C GLU B 133 -14.66 4.91 -38.55
N ASP B 134 -13.80 5.76 -37.97
CA ASP B 134 -12.47 5.97 -38.52
C ASP B 134 -11.34 5.88 -37.50
N GLU B 135 -11.32 4.82 -36.70
CA GLU B 135 -10.29 4.58 -35.68
C GLU B 135 -10.31 3.10 -35.31
N ILE B 136 -10.58 2.26 -36.31
CA ILE B 136 -10.68 0.81 -36.17
C ILE B 136 -9.50 0.18 -35.49
N ASP B 137 -8.30 0.55 -35.91
CA ASP B 137 -7.12 -0.02 -35.28
C ASP B 137 -7.19 0.40 -33.83
N VAL B 138 -7.28 1.70 -33.66
CA VAL B 138 -7.33 2.29 -32.33
C VAL B 138 -8.38 1.60 -31.50
N LEU B 139 -9.64 1.89 -31.76
CA LEU B 139 -10.72 1.29 -30.99
C LEU B 139 -10.47 -0.13 -30.51
N LEU B 140 -10.21 -1.04 -31.43
CA LEU B 140 -9.97 -2.43 -31.06
C LEU B 140 -8.97 -2.51 -29.93
N ASP B 141 -7.84 -1.82 -30.09
CA ASP B 141 -6.82 -1.82 -29.05
C ASP B 141 -7.32 -1.24 -27.73
N GLU B 142 -8.12 -0.17 -27.76
CA GLU B 142 -8.59 0.36 -26.50
C GLU B 142 -9.83 -0.37 -26.02
N ALA B 143 -10.50 -1.09 -26.93
CA ALA B 143 -11.69 -1.89 -26.57
C ALA B 143 -11.26 -3.06 -25.72
N GLU B 144 -10.07 -3.54 -26.01
CA GLU B 144 -9.49 -4.63 -25.24
C GLU B 144 -9.22 -3.97 -23.88
N ARG B 145 -8.40 -2.93 -23.94
CA ARG B 145 -8.00 -2.13 -22.78
C ARG B 145 -9.10 -1.95 -21.75
N LYS B 146 -10.24 -1.44 -22.22
CA LYS B 146 -11.40 -1.17 -21.38
C LYS B 146 -11.96 -2.40 -20.62
N ILE B 147 -12.12 -3.52 -21.30
CA ILE B 147 -12.65 -4.69 -20.62
C ILE B 147 -11.62 -5.25 -19.67
N MET B 148 -10.35 -5.15 -20.04
CA MET B 148 -9.29 -5.63 -19.19
C MET B 148 -9.26 -4.84 -17.90
N GLU B 149 -9.43 -3.52 -18.01
CA GLU B 149 -9.40 -2.65 -16.86
C GLU B 149 -10.50 -2.84 -15.85
N VAL B 150 -11.54 -3.61 -16.19
CA VAL B 150 -12.63 -3.85 -15.24
C VAL B 150 -12.41 -5.12 -14.43
N SER B 151 -11.64 -6.05 -14.98
CA SER B 151 -11.43 -7.35 -14.35
C SER B 151 -10.21 -7.71 -13.48
N GLN B 152 -9.04 -7.10 -13.66
CA GLN B 152 -7.86 -7.53 -12.88
C GLN B 152 -7.65 -7.28 -11.38
N ARG B 153 -7.13 -8.32 -10.72
CA ARG B 153 -6.81 -8.33 -9.29
C ARG B 153 -5.62 -9.26 -8.95
N LYS B 154 -5.87 -10.57 -8.76
CA LYS B 154 -4.78 -11.49 -8.43
C LYS B 154 -4.37 -12.50 -9.50
N HIS B 155 -3.29 -13.22 -9.19
CA HIS B 155 -2.68 -14.22 -10.07
C HIS B 155 -3.56 -15.34 -10.62
N SER B 156 -3.17 -15.83 -11.80
CA SER B 156 -3.87 -16.91 -12.50
C SER B 156 -2.85 -17.84 -13.15
N GLY B 157 -3.12 -18.27 -14.38
CA GLY B 157 -2.20 -19.14 -15.08
C GLY B 157 -2.82 -20.20 -15.97
N ALA B 158 -2.42 -21.46 -15.74
CA ALA B 158 -2.92 -22.56 -16.52
C ALA B 158 -2.93 -23.86 -15.72
N PHE B 159 -1.95 -24.03 -14.81
CA PHE B 159 -1.86 -25.26 -13.99
C PHE B 159 -2.42 -25.07 -12.56
N LYS B 160 -3.11 -26.11 -12.06
CA LYS B 160 -3.72 -26.11 -10.72
C LYS B 160 -2.67 -26.32 -9.64
N ASP B 164 7.56 -24.21 -0.06
CA ASP B 164 7.64 -24.79 -1.45
C ASP B 164 8.71 -24.10 -2.30
N VAL B 165 8.98 -22.85 -1.97
CA VAL B 165 9.97 -22.10 -2.68
C VAL B 165 11.30 -22.79 -2.45
N LEU B 166 11.49 -23.38 -1.28
CA LEU B 166 12.74 -24.05 -1.05
C LEU B 166 12.88 -24.90 -2.29
N VAL B 167 11.92 -25.79 -2.52
CA VAL B 167 11.97 -26.70 -3.68
C VAL B 167 12.50 -25.99 -4.91
N GLN B 168 11.77 -24.93 -5.26
CA GLN B 168 12.10 -24.12 -6.41
C GLN B 168 13.56 -23.71 -6.25
N THR B 169 14.01 -23.50 -5.01
CA THR B 169 15.41 -23.10 -4.72
C THR B 169 16.33 -24.30 -4.63
N TYR B 170 15.74 -25.47 -4.77
CA TYR B 170 16.55 -26.66 -4.76
C TYR B 170 16.69 -26.96 -6.22
N ASP B 171 15.59 -26.88 -6.96
CA ASP B 171 15.61 -27.15 -8.41
C ASP B 171 16.55 -26.19 -9.08
N ASN B 172 16.60 -24.99 -8.52
CA ASN B 172 17.48 -23.92 -8.98
C ASN B 172 18.89 -24.37 -8.65
N ILE B 173 19.17 -24.71 -7.41
CA ILE B 173 20.53 -25.11 -7.13
C ILE B 173 21.02 -26.25 -8.04
N GLU B 174 20.21 -27.27 -8.32
CA GLU B 174 20.71 -28.35 -9.18
C GLU B 174 21.26 -27.77 -10.51
N MET B 175 20.44 -26.92 -11.11
CA MET B 175 20.77 -26.25 -12.37
C MET B 175 22.09 -25.49 -12.24
N LEU B 176 22.39 -25.02 -11.04
CA LEU B 176 23.61 -24.26 -10.77
C LEU B 176 24.74 -25.23 -10.55
N HIS B 177 24.41 -26.43 -10.09
CA HIS B 177 25.46 -27.39 -9.83
C HIS B 177 25.88 -28.18 -11.04
N ASN B 178 25.18 -29.28 -11.32
CA ASN B 178 25.58 -30.09 -12.45
C ASN B 178 25.81 -29.37 -13.78
N ARG B 179 25.10 -28.28 -14.03
CA ARG B 179 25.23 -27.54 -15.29
C ARG B 179 24.61 -28.44 -16.38
N ASN B 180 23.60 -29.22 -15.99
CA ASN B 180 22.92 -30.16 -16.88
C ASN B 180 21.59 -29.73 -17.51
N GLY B 181 20.65 -30.68 -17.60
CA GLY B 181 19.33 -30.42 -18.18
C GLY B 181 18.53 -31.67 -18.53
N ASP B 182 17.29 -31.48 -18.98
CA ASP B 182 16.42 -32.59 -19.37
C ASP B 182 15.21 -32.15 -20.21
N ILE B 183 15.14 -32.67 -21.43
CA ILE B 183 14.08 -32.42 -22.43
C ILE B 183 13.72 -30.95 -22.73
N THR B 184 14.55 -30.29 -23.55
CA THR B 184 14.36 -28.90 -23.98
C THR B 184 15.58 -28.43 -24.81
N GLY B 185 15.52 -27.24 -25.41
CA GLY B 185 16.66 -26.79 -26.19
C GLY B 185 16.59 -25.54 -27.08
N ILE B 186 17.47 -24.58 -26.79
CA ILE B 186 17.61 -23.30 -27.52
C ILE B 186 19.05 -22.75 -27.34
N PRO B 187 20.03 -23.25 -28.13
CA PRO B 187 21.46 -22.87 -28.10
C PRO B 187 21.77 -21.42 -28.42
N THR B 188 22.07 -20.62 -27.40
CA THR B 188 22.41 -19.22 -27.63
C THR B 188 23.47 -19.13 -28.73
N GLY B 189 24.15 -20.25 -28.97
CA GLY B 189 25.20 -20.25 -29.96
C GLY B 189 26.44 -19.70 -29.28
N PHE B 190 26.34 -19.50 -27.97
CA PHE B 190 27.45 -18.99 -27.17
C PHE B 190 27.42 -19.67 -25.80
N THR B 191 28.13 -20.80 -25.69
CA THR B 191 28.19 -21.58 -24.45
C THR B 191 28.18 -20.72 -23.22
N GLU B 192 28.75 -19.52 -23.31
CA GLU B 192 28.76 -18.64 -22.15
C GLU B 192 27.30 -18.57 -21.72
N LEU B 193 26.46 -18.09 -22.64
CA LEU B 193 25.03 -18.00 -22.37
C LEU B 193 24.39 -19.37 -22.32
N ASP B 194 24.82 -20.26 -23.22
CA ASP B 194 24.27 -21.61 -23.24
C ASP B 194 24.47 -22.27 -21.90
N ARG B 195 25.49 -21.81 -21.17
CA ARG B 195 25.78 -22.35 -19.87
C ARG B 195 24.94 -21.69 -18.78
N MET B 196 24.72 -20.39 -18.90
CA MET B 196 23.94 -19.66 -17.88
C MET B 196 22.42 -19.70 -18.07
N THR B 197 21.96 -20.64 -18.91
CA THR B 197 20.54 -20.84 -19.20
C THR B 197 20.19 -22.25 -19.64
N SER B 198 21.10 -22.93 -20.33
CA SER B 198 20.86 -24.31 -20.82
C SER B 198 19.75 -24.30 -21.86
N GLY B 199 19.46 -23.08 -22.33
CA GLY B 199 18.42 -22.85 -23.31
C GLY B 199 17.59 -21.64 -22.95
N PHE B 200 17.24 -20.82 -23.94
CA PHE B 200 16.41 -19.64 -23.66
C PHE B 200 15.00 -20.19 -23.48
N GLN B 201 14.69 -20.54 -22.23
CA GLN B 201 13.39 -21.12 -21.87
C GLN B 201 12.19 -20.51 -22.54
N ARG B 202 11.15 -21.32 -22.71
CA ARG B 202 9.93 -20.88 -23.35
C ARG B 202 9.14 -19.96 -22.44
N SER B 203 8.33 -19.09 -23.06
CA SER B 203 7.51 -18.16 -22.31
C SER B 203 8.30 -17.21 -21.40
N ASP B 204 9.59 -17.04 -21.67
CA ASP B 204 10.43 -16.15 -20.87
C ASP B 204 10.65 -14.81 -21.59
N LEU B 205 10.71 -13.72 -20.83
CA LEU B 205 10.96 -12.44 -21.46
C LEU B 205 12.40 -12.09 -21.21
N ILE B 206 13.15 -11.95 -22.29
CA ILE B 206 14.57 -11.61 -22.21
C ILE B 206 14.81 -10.15 -22.54
N ILE B 207 15.85 -9.57 -21.94
CA ILE B 207 16.20 -8.19 -22.20
C ILE B 207 17.70 -7.99 -22.18
N VAL B 208 18.18 -7.19 -23.12
CA VAL B 208 19.59 -6.90 -23.24
C VAL B 208 19.72 -5.39 -23.41
N ALA B 209 20.17 -4.75 -22.35
CA ALA B 209 20.33 -3.30 -22.37
C ALA B 209 21.77 -2.91 -22.57
N ALA B 210 21.98 -1.76 -23.20
CA ALA B 210 23.34 -1.30 -23.44
C ALA B 210 23.35 0.12 -23.99
N ARG B 211 24.54 0.67 -24.10
CA ARG B 211 24.71 2.02 -24.63
C ARG B 211 25.08 1.83 -26.10
N PRO B 212 24.87 2.87 -26.91
CA PRO B 212 25.16 2.89 -28.35
C PRO B 212 26.53 2.39 -28.79
N SER B 213 26.51 1.48 -29.77
CA SER B 213 27.73 0.90 -30.33
C SER B 213 28.52 -0.03 -29.44
N VAL B 214 27.93 -1.20 -29.21
CA VAL B 214 28.51 -2.29 -28.43
C VAL B 214 27.97 -3.43 -29.29
N GLY B 215 26.88 -3.13 -29.99
CA GLY B 215 26.25 -4.07 -30.89
C GLY B 215 24.97 -4.66 -30.37
N LYS B 216 24.09 -3.84 -29.80
CA LYS B 216 22.83 -4.34 -29.27
C LYS B 216 22.10 -5.10 -30.37
N THR B 217 22.12 -4.55 -31.57
CA THR B 217 21.47 -5.20 -32.70
C THR B 217 22.34 -6.32 -33.25
N ALA B 218 23.65 -6.14 -33.15
CA ALA B 218 24.60 -7.14 -33.62
C ALA B 218 24.26 -8.43 -32.92
N PHE B 219 24.24 -8.32 -31.61
CA PHE B 219 23.92 -9.42 -30.74
C PHE B 219 22.57 -10.01 -31.15
N ALA B 220 21.53 -9.18 -31.13
CA ALA B 220 20.19 -9.64 -31.49
C ALA B 220 20.24 -10.56 -32.70
N LEU B 221 20.74 -10.06 -33.82
CA LEU B 221 20.83 -10.88 -35.00
C LEU B 221 21.66 -12.10 -34.65
N ASN B 222 22.75 -11.88 -33.93
CA ASN B 222 23.61 -12.99 -33.54
C ASN B 222 22.77 -14.20 -33.11
N ILE B 223 22.22 -14.14 -31.91
CA ILE B 223 21.42 -15.23 -31.36
C ILE B 223 20.49 -15.80 -32.44
N ALA B 224 19.50 -15.01 -32.82
CA ALA B 224 18.57 -15.46 -33.82
C ALA B 224 19.31 -16.09 -34.98
N GLN B 225 20.56 -15.69 -35.20
CA GLN B 225 21.34 -16.25 -36.30
C GLN B 225 21.77 -17.66 -36.03
N ASN B 226 22.35 -17.89 -34.87
CA ASN B 226 22.83 -19.21 -34.52
C ASN B 226 21.65 -20.08 -34.17
N VAL B 227 20.52 -19.46 -33.89
CA VAL B 227 19.32 -20.20 -33.55
C VAL B 227 18.56 -20.77 -34.77
N ALA B 228 18.47 -19.98 -35.83
CA ALA B 228 17.75 -20.42 -37.04
C ALA B 228 18.61 -21.26 -37.97
N THR B 229 19.91 -21.10 -37.85
CA THR B 229 20.85 -21.83 -38.68
C THR B 229 21.10 -23.26 -38.18
N LYS B 230 21.45 -23.41 -36.90
CA LYS B 230 21.72 -24.74 -36.37
C LYS B 230 20.52 -25.48 -35.77
N THR B 231 19.44 -24.76 -35.48
CA THR B 231 18.28 -25.41 -34.91
C THR B 231 17.07 -25.35 -35.84
N ASN B 232 16.17 -26.32 -35.66
CA ASN B 232 14.96 -26.40 -36.46
C ASN B 232 13.98 -25.32 -36.04
N GLU B 233 14.30 -24.62 -34.96
CA GLU B 233 13.42 -23.55 -34.48
C GLU B 233 13.45 -22.43 -35.49
N ASN B 234 12.31 -21.74 -35.61
CA ASN B 234 12.18 -20.62 -36.53
C ASN B 234 12.21 -19.38 -35.68
N VAL B 235 13.03 -18.40 -36.03
CA VAL B 235 13.08 -17.16 -35.25
C VAL B 235 12.55 -16.03 -36.08
N ALA B 236 11.72 -15.20 -35.48
CA ALA B 236 11.20 -14.08 -36.19
C ALA B 236 11.88 -12.89 -35.55
N ILE B 237 12.17 -11.87 -36.35
CA ILE B 237 12.80 -10.67 -35.85
C ILE B 237 12.01 -9.44 -36.29
N PHE B 238 11.77 -8.53 -35.35
CA PHE B 238 11.05 -7.32 -35.65
C PHE B 238 12.06 -6.20 -35.53
N SER B 239 12.38 -5.56 -36.66
CA SER B 239 13.33 -4.44 -36.67
C SER B 239 12.61 -3.13 -36.91
N LEU B 240 12.84 -2.17 -36.03
CA LEU B 240 12.15 -0.89 -36.15
C LEU B 240 12.98 0.28 -36.68
N GLU B 241 14.30 0.13 -36.76
CA GLU B 241 15.13 1.23 -37.26
C GLU B 241 15.85 0.93 -38.56
N MET B 242 15.63 -0.25 -39.11
CA MET B 242 16.26 -0.62 -40.37
C MET B 242 15.41 -1.53 -41.26
N SER B 243 15.86 -1.69 -42.50
CA SER B 243 15.17 -2.50 -43.52
C SER B 243 15.60 -3.95 -43.53
N ALA B 244 14.71 -4.83 -43.96
CA ALA B 244 14.98 -6.27 -44.04
C ALA B 244 16.32 -6.62 -44.67
N GLN B 245 16.88 -5.68 -45.43
CA GLN B 245 18.15 -5.88 -46.12
C GLN B 245 19.34 -5.69 -45.17
N GLN B 246 19.50 -4.48 -44.66
CA GLN B 246 20.59 -4.18 -43.70
C GLN B 246 20.77 -5.37 -42.77
N LEU B 247 19.66 -5.96 -42.37
CA LEU B 247 19.67 -7.09 -41.46
C LEU B 247 20.28 -8.27 -42.18
N VAL B 248 19.53 -8.84 -43.11
CA VAL B 248 20.01 -10.00 -43.83
C VAL B 248 21.43 -9.79 -44.37
N MET B 249 21.75 -8.57 -44.80
CA MET B 249 23.10 -8.28 -45.28
C MET B 249 24.00 -8.58 -44.09
N ARG B 250 23.68 -7.96 -42.95
CA ARG B 250 24.43 -8.12 -41.70
C ARG B 250 24.57 -9.62 -41.38
N MET B 251 23.48 -10.35 -41.60
CA MET B 251 23.45 -11.78 -41.33
C MET B 251 24.44 -12.60 -42.15
N LEU B 252 24.33 -12.59 -43.47
CA LEU B 252 25.26 -13.36 -44.27
C LEU B 252 26.64 -12.69 -44.22
N CYS B 253 26.66 -11.45 -43.72
CA CYS B 253 27.91 -10.69 -43.57
C CYS B 253 28.68 -11.37 -42.42
N ALA B 254 27.98 -11.73 -41.36
CA ALA B 254 28.65 -12.41 -40.24
C ALA B 254 28.72 -13.92 -40.49
N GLU B 255 27.86 -14.40 -41.39
CA GLU B 255 27.81 -15.80 -41.74
C GLU B 255 28.91 -16.11 -42.74
N GLY B 256 29.44 -15.07 -43.35
CA GLY B 256 30.50 -15.26 -44.33
C GLY B 256 31.87 -14.86 -43.83
N ASN B 257 31.92 -14.14 -42.70
CA ASN B 257 33.17 -13.65 -42.07
C ASN B 257 34.07 -12.72 -42.90
N LEU B 268 34.85 -6.28 -54.40
CA LEU B 268 34.79 -7.68 -53.88
C LEU B 268 35.75 -8.62 -54.59
N THR B 269 36.40 -9.50 -53.81
CA THR B 269 37.33 -10.47 -54.36
C THR B 269 36.67 -11.85 -54.37
N PRO B 270 37.22 -12.79 -55.15
CA PRO B 270 36.68 -14.16 -55.27
C PRO B 270 36.52 -14.93 -53.96
N GLU B 271 37.40 -14.70 -52.99
CA GLU B 271 37.27 -15.41 -51.73
C GLU B 271 36.00 -14.91 -51.05
N ASP B 272 35.56 -13.72 -51.44
CA ASP B 272 34.36 -13.13 -50.90
C ASP B 272 33.17 -13.79 -51.58
N TRP B 273 33.27 -13.90 -52.91
CA TRP B 273 32.23 -14.52 -53.71
C TRP B 273 31.93 -15.94 -53.23
N GLY B 274 32.99 -16.71 -52.99
CA GLY B 274 32.82 -18.07 -52.52
C GLY B 274 32.31 -18.11 -51.10
N LYS B 275 32.93 -17.34 -50.21
CA LYS B 275 32.54 -17.32 -48.81
C LYS B 275 31.15 -16.71 -48.69
N LEU B 276 30.84 -15.79 -49.59
CA LEU B 276 29.55 -15.17 -49.60
C LEU B 276 28.47 -16.19 -50.02
N THR B 277 28.67 -16.88 -51.14
CA THR B 277 27.68 -17.87 -51.60
C THR B 277 27.42 -18.94 -50.53
N MET B 278 28.50 -19.38 -49.87
CA MET B 278 28.40 -20.40 -48.83
C MET B 278 27.45 -19.92 -47.74
N ALA B 279 27.59 -18.67 -47.33
CA ALA B 279 26.74 -18.10 -46.30
C ALA B 279 25.29 -18.00 -46.77
N MET B 280 25.10 -17.52 -48.00
CA MET B 280 23.76 -17.35 -48.56
C MET B 280 23.01 -18.67 -48.66
N GLY B 281 23.67 -19.69 -49.17
CA GLY B 281 23.01 -20.97 -49.30
C GLY B 281 22.58 -21.44 -47.93
N SER B 282 23.51 -21.38 -46.97
CA SER B 282 23.26 -21.81 -45.60
C SER B 282 22.14 -21.03 -44.92
N LEU B 283 22.12 -19.71 -45.10
CA LEU B 283 21.09 -18.89 -44.46
C LEU B 283 19.82 -18.88 -45.32
N SER B 284 19.96 -19.22 -46.59
CA SER B 284 18.80 -19.28 -47.48
C SER B 284 17.92 -20.37 -46.88
N ASN B 285 18.51 -21.56 -46.68
CA ASN B 285 17.79 -22.70 -46.13
C ASN B 285 17.30 -22.39 -44.71
N ALA B 286 17.94 -21.41 -44.06
CA ALA B 286 17.57 -21.03 -42.70
C ALA B 286 16.18 -20.43 -42.69
N GLY B 287 15.49 -20.62 -41.58
CA GLY B 287 14.15 -20.10 -41.46
C GLY B 287 14.13 -18.94 -40.52
N ILE B 288 14.09 -17.74 -41.08
CA ILE B 288 14.04 -16.56 -40.25
C ILE B 288 12.88 -15.80 -40.84
N TYR B 289 12.29 -14.91 -40.05
CA TYR B 289 11.16 -14.13 -40.51
C TYR B 289 11.34 -12.75 -39.94
N ILE B 290 11.24 -11.75 -40.81
CA ILE B 290 11.43 -10.40 -40.36
C ILE B 290 10.23 -9.56 -40.67
N ASP B 291 10.28 -8.34 -40.12
CA ASP B 291 9.29 -7.31 -40.34
C ASP B 291 10.02 -6.03 -40.06
N ASP B 292 9.82 -5.06 -40.92
CA ASP B 292 10.45 -3.79 -40.72
C ASP B 292 9.33 -2.83 -41.03
N THR B 293 8.77 -2.26 -39.97
CA THR B 293 7.69 -1.30 -40.13
C THR B 293 8.13 -0.08 -39.30
N PRO B 294 7.74 1.14 -39.72
CA PRO B 294 8.13 2.35 -38.99
C PRO B 294 8.05 2.17 -37.47
N SER B 295 6.85 2.32 -36.94
CA SER B 295 6.59 2.16 -35.51
C SER B 295 5.66 0.95 -35.47
N ILE B 296 5.55 0.30 -34.33
CA ILE B 296 4.69 -0.87 -34.25
C ILE B 296 3.87 -0.97 -32.97
N ARG B 297 2.86 -1.82 -33.03
CA ARG B 297 1.98 -2.07 -31.90
C ARG B 297 2.21 -3.51 -31.46
N VAL B 298 2.43 -3.68 -30.17
CA VAL B 298 2.65 -4.98 -29.58
C VAL B 298 1.57 -5.98 -30.03
N SER B 299 0.37 -5.45 -30.27
CA SER B 299 -0.81 -6.24 -30.68
C SER B 299 -0.75 -6.87 -32.09
N ASP B 300 -0.08 -6.20 -33.01
CA ASP B 300 0.05 -6.71 -34.37
C ASP B 300 1.10 -7.79 -34.30
N ILE B 301 2.17 -7.46 -33.58
CA ILE B 301 3.27 -8.38 -33.39
C ILE B 301 2.65 -9.71 -33.04
N ARG B 302 1.82 -9.72 -32.01
CA ARG B 302 1.17 -10.95 -31.59
C ARG B 302 0.19 -11.39 -32.66
N ALA B 303 -0.49 -10.41 -33.25
CA ALA B 303 -1.45 -10.70 -34.30
C ALA B 303 -0.80 -11.62 -35.31
N LYS B 304 0.31 -11.17 -35.87
CA LYS B 304 1.03 -11.92 -36.88
C LYS B 304 1.69 -13.20 -36.35
N CYS B 305 2.36 -13.08 -35.19
CA CYS B 305 3.07 -14.20 -34.58
C CYS B 305 2.16 -15.37 -34.17
N ARG B 306 0.91 -15.09 -33.86
CA ARG B 306 -0.03 -16.16 -33.51
C ARG B 306 -0.32 -16.91 -34.80
N ARG B 307 -0.67 -16.18 -35.85
CA ARG B 307 -0.96 -16.82 -37.13
C ARG B 307 0.25 -17.60 -37.59
N LEU B 308 1.40 -16.94 -37.60
CA LEU B 308 2.64 -17.60 -38.02
C LEU B 308 2.81 -18.96 -37.31
N LYS B 309 2.86 -18.94 -35.98
CA LYS B 309 3.03 -20.14 -35.17
C LYS B 309 2.00 -21.22 -35.48
N GLN B 310 0.94 -20.84 -36.20
CA GLN B 310 -0.12 -21.78 -36.56
C GLN B 310 0.04 -22.22 -38.02
N GLU B 311 0.77 -21.41 -38.79
CA GLU B 311 1.00 -21.70 -40.21
C GLU B 311 2.34 -22.40 -40.46
N SER B 312 3.41 -21.94 -39.80
CA SER B 312 4.74 -22.53 -39.97
C SER B 312 5.30 -23.05 -38.65
N GLY B 313 4.76 -22.53 -37.55
CA GLY B 313 5.22 -22.92 -36.23
C GLY B 313 6.62 -22.39 -36.08
N LEU B 314 6.91 -21.79 -34.93
CA LEU B 314 8.25 -21.26 -34.74
C LEU B 314 8.56 -21.13 -33.26
N GLY B 315 9.84 -21.21 -32.92
CA GLY B 315 10.23 -21.14 -31.52
C GLY B 315 11.09 -20.01 -31.02
N MET B 316 10.89 -18.79 -31.52
CA MET B 316 11.66 -17.64 -31.03
C MET B 316 11.22 -16.33 -31.65
N VAL B 317 11.66 -15.23 -31.05
CA VAL B 317 11.29 -13.93 -31.56
C VAL B 317 12.22 -12.86 -30.99
N VAL B 318 12.88 -12.13 -31.89
CA VAL B 318 13.83 -11.09 -31.51
C VAL B 318 13.33 -9.70 -31.89
N ILE B 319 13.27 -8.81 -30.91
CA ILE B 319 12.81 -7.45 -31.14
C ILE B 319 13.97 -6.47 -31.09
N ASP B 320 13.98 -5.52 -32.02
CA ASP B 320 15.04 -4.54 -32.02
C ASP B 320 14.51 -3.23 -31.48
N TYR B 321 14.83 -3.03 -30.21
CA TYR B 321 14.48 -1.89 -29.38
C TYR B 321 13.04 -1.33 -29.46
N LEU B 322 12.34 -1.67 -28.38
CA LEU B 322 10.93 -1.35 -28.14
C LEU B 322 10.54 0.08 -27.81
N GLN B 323 11.47 0.92 -27.37
CA GLN B 323 11.11 2.30 -27.04
C GLN B 323 10.30 2.88 -28.18
N LEU B 324 10.51 2.31 -29.36
CA LEU B 324 9.84 2.73 -30.58
C LEU B 324 8.49 2.07 -30.79
N ILE B 325 8.10 1.17 -29.90
CA ILE B 325 6.82 0.47 -30.03
C ILE B 325 5.60 1.26 -29.56
N GLN B 326 5.56 2.54 -29.92
CA GLN B 326 4.44 3.40 -29.55
C GLN B 326 3.19 2.61 -29.96
N GLY B 327 2.58 1.95 -28.99
CA GLY B 327 1.39 1.15 -29.27
C GLY B 327 0.20 1.33 -28.35
N SER B 328 0.41 2.03 -27.24
CA SER B 328 -0.68 2.30 -26.28
C SER B 328 -1.89 3.01 -26.91
N GLY B 329 -1.75 4.30 -27.20
CA GLY B 329 -2.86 4.98 -27.83
C GLY B 329 -3.11 6.44 -27.45
N ARG B 330 -3.32 6.69 -26.16
CA ARG B 330 -3.56 8.04 -25.66
C ARG B 330 -2.29 8.89 -25.70
N ASN B 331 -1.18 8.30 -25.22
CA ASN B 331 0.14 8.95 -25.16
C ASN B 331 0.27 10.05 -24.09
N ARG B 332 0.20 9.66 -22.82
CA ARG B 332 0.30 10.64 -21.72
C ARG B 332 1.41 10.14 -20.80
N GLU B 333 2.00 9.03 -21.17
CA GLU B 333 3.04 8.60 -20.28
C GLU B 333 4.58 8.73 -20.49
N ASN B 334 5.25 8.73 -19.33
CA ASN B 334 6.71 8.79 -19.28
C ASN B 334 7.34 7.61 -20.02
N ARG B 335 8.55 7.32 -19.59
CA ARG B 335 9.36 6.27 -20.13
C ARG B 335 9.00 5.04 -19.32
N GLN B 336 8.02 5.21 -18.44
CA GLN B 336 7.58 4.12 -17.57
C GLN B 336 6.25 3.48 -17.94
N GLN B 337 5.22 4.28 -18.21
CA GLN B 337 3.92 3.72 -18.52
C GLN B 337 3.73 3.04 -19.89
N GLU B 338 3.96 3.77 -20.98
CA GLU B 338 3.83 3.16 -22.30
C GLU B 338 4.89 2.07 -22.53
N VAL B 339 6.03 2.23 -21.86
CA VAL B 339 7.14 1.28 -21.96
C VAL B 339 6.73 0.00 -21.24
N SER B 340 6.02 0.18 -20.13
CA SER B 340 5.53 -0.92 -19.31
C SER B 340 4.42 -1.70 -19.97
N GLU B 341 3.35 -0.97 -20.28
CA GLU B 341 2.20 -1.52 -20.94
C GLU B 341 2.72 -2.43 -22.06
N ILE B 342 3.86 -2.06 -22.59
CA ILE B 342 4.49 -2.83 -23.65
C ILE B 342 5.19 -4.02 -23.03
N SER B 343 6.10 -3.76 -22.12
CA SER B 343 6.87 -4.80 -21.44
C SER B 343 5.94 -5.90 -21.00
N ARG B 344 4.95 -5.53 -20.20
CA ARG B 344 3.97 -6.47 -19.69
C ARG B 344 3.29 -7.17 -20.85
N SER B 345 2.86 -6.39 -21.83
CA SER B 345 2.17 -6.92 -23.00
C SER B 345 3.10 -7.92 -23.68
N LEU B 346 4.39 -7.62 -23.60
CA LEU B 346 5.41 -8.49 -24.19
C LEU B 346 5.38 -9.83 -23.44
N LYS B 347 5.81 -9.83 -22.18
CA LYS B 347 5.80 -11.05 -21.37
C LYS B 347 4.55 -11.82 -21.76
N ALA B 348 3.42 -11.18 -21.51
CA ALA B 348 2.10 -11.71 -21.84
C ALA B 348 2.17 -12.43 -23.16
N LEU B 349 2.62 -11.71 -24.17
CA LEU B 349 2.74 -12.28 -25.51
C LEU B 349 3.53 -13.57 -25.43
N ALA B 350 4.73 -13.51 -24.86
CA ALA B 350 5.57 -14.69 -24.76
C ALA B 350 4.83 -15.89 -24.20
N ARG B 351 4.17 -15.69 -23.06
CA ARG B 351 3.42 -16.74 -22.39
C ARG B 351 2.34 -17.32 -23.32
N GLU B 352 1.67 -16.45 -24.06
CA GLU B 352 0.60 -16.84 -24.98
C GLU B 352 1.14 -17.76 -26.10
N LEU B 353 2.34 -17.45 -26.58
CA LEU B 353 3.00 -18.20 -27.65
C LEU B 353 3.86 -19.36 -27.18
N GLU B 354 4.20 -19.40 -25.90
CA GLU B 354 5.03 -20.47 -25.36
C GLU B 354 6.39 -20.49 -26.07
N VAL B 355 7.05 -19.34 -26.10
CA VAL B 355 8.35 -19.22 -26.74
C VAL B 355 9.12 -18.12 -26.05
N PRO B 356 10.42 -17.94 -26.37
CA PRO B 356 11.17 -16.87 -25.70
C PRO B 356 11.27 -15.57 -26.47
N VAL B 357 10.89 -14.48 -25.81
CA VAL B 357 10.91 -13.16 -26.39
C VAL B 357 12.11 -12.37 -25.88
N ILE B 358 13.02 -12.01 -26.80
CA ILE B 358 14.20 -11.24 -26.45
C ILE B 358 14.16 -9.86 -27.09
N ALA B 359 14.14 -8.83 -26.25
CA ALA B 359 14.08 -7.46 -26.72
C ALA B 359 15.40 -6.73 -26.47
N LEU B 360 15.57 -5.57 -27.10
CA LEU B 360 16.80 -4.79 -26.96
C LEU B 360 16.42 -3.38 -26.54
N SER B 361 17.15 -2.78 -25.61
CA SER B 361 16.83 -1.43 -25.14
C SER B 361 18.07 -0.58 -24.98
N GLN B 362 17.88 0.70 -24.72
CA GLN B 362 19.01 1.61 -24.61
C GLN B 362 19.13 2.56 -23.41
N LEU B 363 20.39 2.72 -23.00
CA LEU B 363 20.80 3.59 -21.90
C LEU B 363 21.80 4.52 -22.54
N SER B 364 22.03 5.69 -21.95
CA SER B 364 22.94 6.61 -22.57
C SER B 364 23.51 7.65 -21.65
N ARG B 365 22.65 8.55 -21.21
CA ARG B 365 23.10 9.65 -20.32
C ARG B 365 23.87 9.24 -19.04
N SER B 366 23.40 8.19 -18.36
CA SER B 366 24.03 7.66 -17.15
C SER B 366 25.43 7.12 -17.44
N VAL B 367 25.52 6.10 -18.28
CA VAL B 367 26.81 5.52 -18.63
C VAL B 367 27.82 6.52 -19.20
N GLU B 368 27.35 7.42 -20.05
CA GLU B 368 28.21 8.47 -20.63
C GLU B 368 28.60 9.39 -19.50
N GLN B 369 27.67 9.63 -18.60
CA GLN B 369 28.03 10.51 -17.49
C GLN B 369 29.27 10.02 -16.75
N ARG B 370 29.25 8.76 -16.38
CA ARG B 370 30.41 8.19 -15.70
C ARG B 370 31.65 7.93 -16.57
N GLN B 371 31.46 7.18 -17.66
CA GLN B 371 32.59 6.89 -18.56
C GLN B 371 33.36 8.09 -19.18
N ASP B 372 32.69 9.22 -19.39
CA ASP B 372 33.38 10.44 -19.91
C ASP B 372 34.22 11.09 -18.81
N LYS B 373 33.61 11.25 -17.63
CA LYS B 373 34.29 11.87 -16.50
C LYS B 373 35.52 11.01 -16.05
N ARG B 374 35.43 9.71 -16.27
CA ARG B 374 36.54 8.81 -15.93
C ARG B 374 36.87 8.05 -17.22
N ASP B 379 22.04 2.19 -14.86
CA ASP B 379 22.70 0.87 -14.70
C ASP B 379 21.60 -0.30 -14.63
N LEU B 380 21.16 -0.83 -13.51
CA LEU B 380 20.07 -1.87 -13.63
C LEU B 380 18.73 -1.23 -13.29
N ARG B 381 18.87 0.00 -12.81
CA ARG B 381 17.80 0.87 -12.43
C ARG B 381 17.29 1.64 -13.64
N GLU B 382 18.22 2.15 -14.44
CA GLU B 382 17.86 2.96 -15.61
C GLU B 382 17.04 2.30 -16.70
N SER B 383 16.41 1.16 -16.39
CA SER B 383 15.57 0.46 -17.37
C SER B 383 14.22 0.14 -16.73
N GLY B 384 13.28 1.09 -16.84
CA GLY B 384 11.94 0.93 -16.24
C GLY B 384 11.10 -0.29 -16.61
N SER B 385 11.30 -0.68 -17.84
CA SER B 385 10.66 -1.84 -18.43
C SER B 385 11.02 -3.07 -17.66
N ILE B 386 12.31 -3.20 -17.37
CA ILE B 386 12.70 -4.37 -16.61
C ILE B 386 12.03 -4.18 -15.26
N GLU B 387 11.95 -2.95 -14.75
CA GLU B 387 11.27 -2.81 -13.46
C GLU B 387 9.76 -3.15 -13.57
N GLN B 388 9.20 -2.86 -14.72
CA GLN B 388 7.79 -3.19 -14.95
C GLN B 388 7.51 -4.70 -14.83
N ASP B 389 8.10 -5.54 -15.68
CA ASP B 389 7.92 -6.98 -15.46
C ASP B 389 8.76 -8.04 -16.20
N ALA B 390 10.09 -7.95 -16.28
CA ALA B 390 10.81 -9.02 -17.03
C ALA B 390 11.50 -10.04 -16.16
N ASP B 391 11.45 -11.30 -16.54
CA ASP B 391 12.18 -12.19 -15.67
C ASP B 391 13.41 -12.75 -16.38
N ILE B 392 14.34 -11.84 -16.66
CA ILE B 392 15.65 -12.06 -17.28
C ILE B 392 16.19 -10.74 -17.77
N VAL B 393 17.08 -10.10 -17.02
CA VAL B 393 17.63 -8.91 -17.61
C VAL B 393 19.11 -9.12 -17.75
N ALA B 394 19.63 -8.56 -18.84
CA ALA B 394 21.02 -8.73 -19.13
C ALA B 394 21.78 -7.55 -19.78
N PHE B 395 22.89 -7.30 -19.15
CA PHE B 395 23.90 -6.32 -19.56
C PHE B 395 25.08 -6.55 -20.55
N ILE B 415 26.38 -9.59 -18.34
CA ILE B 415 25.78 -8.71 -17.28
C ILE B 415 24.50 -9.16 -16.67
N ILE B 416 24.14 -10.42 -16.49
CA ILE B 416 22.77 -10.58 -15.98
C ILE B 416 22.40 -10.04 -14.61
N ALA B 417 21.15 -9.62 -14.49
CA ALA B 417 20.74 -8.99 -13.27
C ALA B 417 19.44 -9.61 -12.71
N LYS B 418 18.70 -10.30 -13.56
CA LYS B 418 17.47 -10.94 -13.13
C LYS B 418 17.21 -12.20 -13.92
N GLN B 419 16.79 -13.23 -13.19
CA GLN B 419 16.49 -14.54 -13.75
C GLN B 419 15.53 -15.22 -12.76
N ARG B 420 14.43 -15.73 -13.30
CA ARG B 420 13.44 -16.40 -12.43
C ARG B 420 14.03 -17.57 -11.65
N GLY B 425 24.67 -14.29 -12.47
CA GLY B 425 26.11 -13.88 -12.45
C GLY B 425 26.77 -13.62 -13.81
N THR B 426 28.01 -13.14 -13.80
CA THR B 426 28.73 -12.86 -15.05
C THR B 426 29.71 -13.99 -15.31
N VAL B 427 30.22 -14.04 -16.45
#